data_4XOM
#
_entry.id   4XOM
#
_cell.length_a   136.937
_cell.length_b   136.937
_cell.length_c   102.089
_cell.angle_alpha   90.00
_cell.angle_beta   90.00
_cell.angle_gamma   90.00
#
_symmetry.space_group_name_H-M   'P 41 21 2'
#
loop_
_entity.id
_entity.type
_entity.pdbx_description
1 polymer 'Coenzyme F420:L-glutamate ligase'
2 non-polymer 'SULFATE ION'
3 water water
#
_entity_poly.entity_id   1
_entity_poly.type   'polypeptide(L)'
_entity_poly.pdbx_seq_one_letter_code
;GAMTAEALELGRQQAQLLRRSVRRFSTDPVPGDLVEAAVAEALTAPAPHHTRPTRFVWLQTPAIRARLLDRMKDKWRSDL
TSDGLPADAIERRVARGQILYDAPEVVIPMLVPDGAHSYPDAARTDAEHTMFTVAVGAAVQALLVALAVRGLGSCWIGST
IFAADLVRDELDLPVDWEPLGAIAIGYADEPSGLRDPVPAADLLILK
;
_entity_poly.pdbx_strand_id   A,B,C,D
#
# COMPACT_ATOMS: atom_id res chain seq x y z
N ALA A 2 8.64 -42.43 -25.51
CA ALA A 2 9.09 -41.21 -26.23
C ALA A 2 7.89 -40.40 -26.75
N MET A 3 6.85 -41.10 -27.21
CA MET A 3 5.62 -40.41 -27.64
C MET A 3 5.01 -39.60 -26.48
N THR A 4 5.01 -40.21 -25.30
CA THR A 4 4.44 -39.57 -24.10
C THR A 4 5.18 -38.29 -23.79
N ALA A 5 6.52 -38.33 -23.80
CA ALA A 5 7.37 -37.15 -23.58
C ALA A 5 7.13 -36.05 -24.63
N GLU A 6 6.96 -36.47 -25.87
CA GLU A 6 6.59 -35.55 -26.95
C GLU A 6 5.24 -34.89 -26.68
N ALA A 7 4.26 -35.68 -26.23
CA ALA A 7 2.94 -35.14 -25.92
C ALA A 7 2.99 -34.16 -24.73
N LEU A 8 3.74 -34.52 -23.67
CA LEU A 8 3.89 -33.67 -22.50
C LEU A 8 4.45 -32.29 -22.86
N GLU A 9 5.53 -32.27 -23.64
CA GLU A 9 6.17 -31.02 -24.10
C GLU A 9 5.22 -30.17 -24.92
N LEU A 10 4.50 -30.83 -25.82
CA LEU A 10 3.57 -30.13 -26.68
C LEU A 10 2.46 -29.51 -25.85
N GLY A 11 1.91 -30.27 -24.90
CA GLY A 11 0.93 -29.71 -23.96
C GLY A 11 1.39 -28.42 -23.31
N ARG A 12 2.62 -28.41 -22.80
CA ARG A 12 3.20 -27.23 -22.16
C ARG A 12 3.21 -26.05 -23.10
N GLN A 13 3.57 -26.30 -24.33
CA GLN A 13 3.57 -25.28 -25.37
C GLN A 13 2.19 -25.04 -26.00
N GLN A 14 1.14 -25.61 -25.42
CA GLN A 14 -0.23 -25.31 -25.87
C GLN A 14 -1.03 -24.51 -24.89
N ALA A 15 -0.61 -24.52 -23.63
CA ALA A 15 -1.39 -23.96 -22.54
C ALA A 15 -1.90 -22.55 -22.85
N GLN A 16 -1.02 -21.68 -23.33
CA GLN A 16 -1.40 -20.28 -23.55
C GLN A 16 -2.08 -20.13 -24.90
N LEU A 17 -2.05 -21.16 -25.72
CA LEU A 17 -2.67 -21.11 -27.05
C LEU A 17 -4.13 -21.54 -26.94
N LEU A 18 -4.49 -22.13 -25.81
CA LEU A 18 -5.87 -22.37 -25.46
C LEU A 18 -6.61 -21.07 -25.12
N ARG A 19 -5.88 -20.03 -24.71
CA ARG A 19 -6.52 -18.79 -24.28
C ARG A 19 -7.14 -17.95 -25.41
N ARG A 20 -8.46 -17.84 -25.41
CA ARG A 20 -9.20 -16.97 -26.34
C ARG A 20 -9.92 -15.94 -25.51
N SER A 21 -10.11 -14.75 -26.05
CA SER A 21 -11.03 -13.77 -25.48
C SER A 21 -12.42 -14.19 -25.95
N VAL A 22 -13.07 -15.02 -25.15
CA VAL A 22 -14.35 -15.63 -25.51
C VAL A 22 -15.51 -14.67 -25.27
N ARG A 23 -16.37 -14.52 -26.27
CA ARG A 23 -17.51 -13.59 -26.23
C ARG A 23 -18.87 -14.24 -25.85
N ARG A 24 -19.04 -15.53 -26.15
CA ARG A 24 -20.31 -16.24 -25.97
C ARG A 24 -20.03 -17.50 -25.13
N PHE A 25 -20.73 -17.63 -24.00
CA PHE A 25 -20.60 -18.81 -23.13
C PHE A 25 -21.81 -19.67 -23.20
N SER A 26 -21.63 -20.97 -22.94
CA SER A 26 -22.78 -21.86 -22.78
C SER A 26 -23.44 -21.58 -21.42
N THR A 27 -24.63 -22.13 -21.25
CA THR A 27 -25.42 -21.98 -20.01
C THR A 27 -24.93 -22.89 -18.90
N ASP A 28 -24.02 -23.80 -19.21
CA ASP A 28 -23.51 -24.72 -18.20
C ASP A 28 -22.95 -24.00 -16.99
N PRO A 29 -23.18 -24.56 -15.79
CA PRO A 29 -22.62 -23.89 -14.63
C PRO A 29 -21.12 -24.15 -14.47
N VAL A 30 -20.42 -23.19 -13.91
CA VAL A 30 -18.99 -23.29 -13.72
C VAL A 30 -18.73 -23.81 -12.32
N PRO A 31 -18.00 -24.93 -12.18
CA PRO A 31 -17.69 -25.40 -10.83
C PRO A 31 -16.81 -24.41 -10.08
N GLY A 32 -17.24 -24.01 -8.88
CA GLY A 32 -16.49 -23.06 -8.05
C GLY A 32 -15.06 -23.49 -7.75
N ASP A 33 -14.87 -24.79 -7.58
CA ASP A 33 -13.54 -25.38 -7.36
C ASP A 33 -12.56 -25.01 -8.45
N LEU A 34 -13.04 -24.89 -9.70
CA LEU A 34 -12.11 -24.54 -10.78
C LEU A 34 -11.67 -23.08 -10.71
N VAL A 35 -12.59 -22.20 -10.35
CA VAL A 35 -12.28 -20.75 -10.23
C VAL A 35 -11.30 -20.53 -9.09
N GLU A 36 -11.58 -21.13 -7.94
CA GLU A 36 -10.68 -21.02 -6.78
C GLU A 36 -9.28 -21.51 -7.14
N ALA A 37 -9.18 -22.67 -7.78
CA ALA A 37 -7.87 -23.20 -8.11
C ALA A 37 -7.18 -22.30 -9.12
N ALA A 38 -7.94 -21.78 -10.09
CA ALA A 38 -7.38 -20.97 -11.14
C ALA A 38 -6.84 -19.64 -10.57
N VAL A 39 -7.57 -19.08 -9.61
CA VAL A 39 -7.12 -17.84 -8.99
C VAL A 39 -5.82 -18.14 -8.21
N ALA A 40 -5.73 -19.29 -7.55
CA ALA A 40 -4.51 -19.64 -6.79
C ALA A 40 -3.32 -19.72 -7.75
N GLU A 41 -3.54 -20.32 -8.93
CA GLU A 41 -2.51 -20.37 -9.98
C GLU A 41 -2.17 -18.98 -10.52
N ALA A 42 -3.20 -18.16 -10.74
CA ALA A 42 -2.97 -16.80 -11.22
C ALA A 42 -1.99 -16.04 -10.32
N LEU A 43 -2.11 -16.23 -9.02
CA LEU A 43 -1.31 -15.47 -8.08
C LEU A 43 0.14 -15.95 -8.01
N THR A 44 0.50 -16.91 -8.85
CA THR A 44 1.92 -17.23 -9.07
C THR A 44 2.63 -16.23 -10.00
N ALA A 45 1.87 -15.37 -10.69
CA ALA A 45 2.46 -14.28 -11.50
C ALA A 45 3.42 -13.48 -10.66
N PRO A 46 4.44 -12.86 -11.29
CA PRO A 46 5.45 -12.14 -10.52
C PRO A 46 4.94 -10.83 -9.95
N ALA A 47 5.58 -10.40 -8.88
CA ALA A 47 5.24 -9.20 -8.16
C ALA A 47 6.53 -8.59 -7.64
N PRO A 48 6.56 -7.25 -7.47
CA PRO A 48 7.76 -6.65 -6.87
C PRO A 48 8.04 -7.21 -5.50
N HIS A 49 9.29 -7.14 -5.08
CA HIS A 49 9.71 -7.70 -3.80
C HIS A 49 8.86 -7.29 -2.60
N HIS A 50 8.34 -8.27 -1.85
CA HIS A 50 7.52 -8.01 -0.65
C HIS A 50 6.27 -7.16 -0.87
N THR A 51 5.57 -7.44 -1.96
CA THR A 51 4.33 -6.76 -2.27
C THR A 51 3.31 -7.77 -2.68
N ARG A 52 2.04 -7.39 -2.51
CA ARG A 52 0.91 -8.18 -2.97
C ARG A 52 -0.05 -7.28 -3.71
N PRO A 53 0.31 -6.89 -4.94
CA PRO A 53 -0.38 -5.86 -5.67
C PRO A 53 -1.82 -6.20 -6.06
N THR A 54 -2.12 -7.50 -6.20
CA THR A 54 -3.36 -7.96 -6.82
C THR A 54 -4.34 -8.49 -5.80
N ARG A 55 -5.62 -8.20 -6.03
CA ARG A 55 -6.71 -8.85 -5.33
C ARG A 55 -7.71 -9.23 -6.39
N PHE A 56 -8.34 -10.39 -6.25
CA PHE A 56 -9.40 -10.78 -7.17
C PHE A 56 -10.70 -10.72 -6.41
N VAL A 57 -11.70 -10.11 -7.00
CA VAL A 57 -12.97 -9.90 -6.34
C VAL A 57 -14.04 -10.61 -7.16
N TRP A 58 -14.48 -11.74 -6.60
CA TRP A 58 -15.39 -12.60 -7.28
C TRP A 58 -16.79 -12.15 -6.94
N LEU A 59 -17.53 -11.72 -7.95
CA LEU A 59 -18.88 -11.19 -7.73
C LEU A 59 -19.89 -12.28 -7.77
N GLN A 60 -20.07 -12.99 -6.66
CA GLN A 60 -20.95 -14.15 -6.61
C GLN A 60 -22.43 -13.78 -6.48
N THR A 61 -22.74 -12.66 -5.84
CA THR A 61 -24.11 -12.24 -5.66
C THR A 61 -24.67 -11.61 -6.95
N PRO A 62 -25.64 -12.29 -7.59
CA PRO A 62 -26.16 -11.77 -8.87
C PRO A 62 -26.74 -10.36 -8.80
N ALA A 63 -27.43 -10.01 -7.72
CA ALA A 63 -28.00 -8.66 -7.60
C ALA A 63 -26.94 -7.58 -7.48
N ILE A 64 -25.83 -7.88 -6.80
CA ILE A 64 -24.72 -6.95 -6.72
C ILE A 64 -24.08 -6.78 -8.09
N ARG A 65 -23.96 -7.86 -8.85
CA ARG A 65 -23.35 -7.75 -10.17
C ARG A 65 -24.20 -6.88 -11.08
N ALA A 66 -25.51 -7.13 -11.11
CA ALA A 66 -26.42 -6.40 -11.97
C ALA A 66 -26.50 -4.91 -11.62
N ARG A 67 -26.46 -4.59 -10.33
CA ARG A 67 -26.53 -3.20 -9.88
C ARG A 67 -25.29 -2.41 -10.37
N LEU A 68 -24.13 -3.02 -10.19
CA LEU A 68 -22.88 -2.46 -10.62
C LEU A 68 -22.87 -2.24 -12.13
N LEU A 69 -23.27 -3.27 -12.88
CA LEU A 69 -23.22 -3.17 -14.33
C LEU A 69 -24.14 -2.08 -14.84
N ASP A 70 -25.32 -1.97 -14.26
CA ASP A 70 -26.31 -0.96 -14.71
C ASP A 70 -25.81 0.45 -14.46
N ARG A 71 -25.24 0.70 -13.28
CA ARG A 71 -24.65 1.99 -12.98
C ARG A 71 -23.50 2.32 -13.95
N MET A 72 -22.70 1.31 -14.30
CA MET A 72 -21.59 1.48 -15.23
C MET A 72 -22.13 1.84 -16.60
N LYS A 73 -23.22 1.19 -16.99
CA LYS A 73 -23.83 1.43 -18.29
C LYS A 73 -24.42 2.83 -18.37
N ASP A 74 -25.03 3.31 -17.29
CA ASP A 74 -25.67 4.61 -17.31
C ASP A 74 -24.59 5.69 -17.48
N LYS A 75 -23.46 5.48 -16.82
CA LYS A 75 -22.33 6.39 -16.96
C LYS A 75 -21.72 6.37 -18.35
N TRP A 76 -21.54 5.18 -18.89
CA TRP A 76 -21.00 4.99 -20.22
C TRP A 76 -21.89 5.66 -21.23
N ARG A 77 -23.19 5.46 -21.05
CA ARG A 77 -24.15 6.12 -21.89
C ARG A 77 -24.05 7.61 -21.77
N SER A 78 -23.90 8.13 -20.55
CA SER A 78 -23.88 9.59 -20.37
C SER A 78 -22.64 10.19 -21.06
N ASP A 79 -21.46 9.63 -20.81
CA ASP A 79 -20.22 10.01 -21.49
C ASP A 79 -20.36 10.06 -23.00
N LEU A 80 -20.88 9.00 -23.63
CA LEU A 80 -20.99 8.96 -25.09
C LEU A 80 -21.99 9.94 -25.66
N THR A 81 -23.08 10.15 -24.93
CA THR A 81 -24.05 11.15 -25.33
C THR A 81 -23.43 12.55 -25.20
N SER A 82 -22.66 12.78 -24.14
CA SER A 82 -21.85 14.00 -24.02
C SER A 82 -20.89 14.20 -25.19
N ASP A 83 -20.36 13.12 -25.75
CA ASP A 83 -19.48 13.18 -26.93
C ASP A 83 -20.21 13.46 -28.24
N GLY A 84 -21.55 13.42 -28.22
CA GLY A 84 -22.31 13.73 -29.41
C GLY A 84 -22.48 12.60 -30.41
N LEU A 85 -22.32 11.35 -29.97
CA LEU A 85 -22.57 10.21 -30.85
C LEU A 85 -24.07 10.04 -31.05
N PRO A 86 -24.47 9.50 -32.23
CA PRO A 86 -25.88 9.14 -32.46
C PRO A 86 -26.31 7.95 -31.59
N ALA A 87 -27.60 7.81 -31.33
CA ALA A 87 -28.11 6.73 -30.47
C ALA A 87 -27.71 5.34 -30.97
N ASP A 88 -27.75 5.13 -32.27
CA ASP A 88 -27.40 3.81 -32.84
C ASP A 88 -25.93 3.47 -32.60
N ALA A 89 -25.06 4.48 -32.66
CA ALA A 89 -23.63 4.26 -32.35
C ALA A 89 -23.43 3.99 -30.86
N ILE A 90 -24.22 4.65 -30.02
CA ILE A 90 -24.11 4.49 -28.58
C ILE A 90 -24.58 3.10 -28.15
N GLU A 91 -25.71 2.64 -28.66
CA GLU A 91 -26.21 1.31 -28.29
C GLU A 91 -25.28 0.21 -28.79
N ARG A 92 -24.77 0.36 -30.01
CA ARG A 92 -23.73 -0.54 -30.52
C ARG A 92 -22.56 -0.68 -29.53
N ARG A 93 -22.10 0.44 -28.98
CA ARG A 93 -20.96 0.39 -28.06
C ARG A 93 -21.30 -0.15 -26.69
N VAL A 94 -22.39 0.33 -26.09
CA VAL A 94 -22.79 -0.20 -24.79
C VAL A 94 -23.14 -1.69 -24.84
N ALA A 95 -23.65 -2.15 -25.99
CA ALA A 95 -23.93 -3.57 -26.23
C ALA A 95 -22.73 -4.48 -26.00
N ARG A 96 -21.52 -3.96 -26.20
CA ARG A 96 -20.30 -4.72 -25.96
C ARG A 96 -20.10 -5.11 -24.49
N GLY A 97 -20.76 -4.44 -23.55
CA GLY A 97 -20.67 -4.82 -22.13
C GLY A 97 -21.69 -5.87 -21.70
N GLN A 98 -22.50 -6.34 -22.65
CA GLN A 98 -23.54 -7.35 -22.38
C GLN A 98 -22.95 -8.64 -21.90
N ILE A 99 -21.76 -8.95 -22.41
CA ILE A 99 -21.03 -10.14 -22.01
C ILE A 99 -20.89 -10.29 -20.47
N LEU A 100 -20.71 -9.18 -19.77
CA LEU A 100 -20.60 -9.22 -18.32
C LEU A 100 -21.93 -9.51 -17.61
N TYR A 101 -23.04 -9.15 -18.22
CA TYR A 101 -24.36 -9.53 -17.73
C TYR A 101 -24.59 -11.05 -17.88
N ASP A 102 -24.19 -11.59 -19.03
CA ASP A 102 -24.54 -12.92 -19.46
C ASP A 102 -23.61 -13.99 -18.93
N ALA A 103 -22.39 -13.58 -18.57
CA ALA A 103 -21.34 -14.49 -18.11
C ALA A 103 -21.74 -15.23 -16.85
N PRO A 104 -21.49 -16.56 -16.82
CA PRO A 104 -21.73 -17.37 -15.66
C PRO A 104 -21.05 -16.83 -14.41
N GLU A 105 -19.78 -16.41 -14.53
CA GLU A 105 -19.10 -15.79 -13.41
C GLU A 105 -18.36 -14.54 -13.87
N VAL A 106 -18.18 -13.62 -12.94
CA VAL A 106 -17.43 -12.42 -13.17
C VAL A 106 -16.48 -12.17 -11.98
N VAL A 107 -15.20 -12.00 -12.33
CA VAL A 107 -14.15 -11.63 -11.38
C VAL A 107 -13.52 -10.30 -11.81
N ILE A 108 -13.44 -9.37 -10.86
CA ILE A 108 -12.77 -8.09 -11.04
C ILE A 108 -11.37 -8.14 -10.43
N PRO A 109 -10.34 -8.00 -11.26
CA PRO A 109 -9.00 -7.80 -10.75
C PRO A 109 -8.84 -6.36 -10.20
N MET A 110 -8.18 -6.22 -9.07
CA MET A 110 -7.96 -4.94 -8.44
C MET A 110 -6.54 -4.84 -7.96
N LEU A 111 -6.03 -3.62 -8.07
CA LEU A 111 -4.76 -3.23 -7.52
C LEU A 111 -5.01 -2.67 -6.13
N VAL A 112 -4.13 -3.06 -5.19
CA VAL A 112 -4.11 -2.48 -3.87
C VAL A 112 -2.64 -2.25 -3.52
N PRO A 113 -2.39 -1.20 -2.72
CA PRO A 113 -1.02 -0.81 -2.44
C PRO A 113 -0.31 -1.64 -1.33
N ASP A 114 -0.52 -2.96 -1.33
CA ASP A 114 0.00 -3.82 -0.30
C ASP A 114 1.50 -4.03 -0.54
N GLY A 115 2.30 -3.48 0.36
CA GLY A 115 3.75 -3.47 0.24
C GLY A 115 4.33 -2.24 -0.46
N ALA A 116 3.49 -1.30 -0.91
CA ALA A 116 4.00 -0.19 -1.69
C ALA A 116 4.94 0.66 -0.83
N HIS A 117 5.99 1.15 -1.47
CA HIS A 117 6.91 2.07 -0.86
C HIS A 117 6.27 3.45 -0.87
N SER A 118 6.43 4.23 0.19
CA SER A 118 5.92 5.61 0.25
C SER A 118 7.00 6.60 -0.13
N TYR A 119 6.79 7.35 -1.21
CA TYR A 119 7.75 8.36 -1.67
C TYR A 119 7.16 9.76 -1.44
N PRO A 120 8.01 10.73 -1.16
CA PRO A 120 7.49 12.08 -0.98
C PRO A 120 7.14 12.79 -2.29
N ASP A 121 7.67 12.29 -3.41
CA ASP A 121 7.52 12.97 -4.69
C ASP A 121 6.55 12.25 -5.59
N ALA A 122 5.87 13.01 -6.41
CA ALA A 122 4.91 12.42 -7.35
C ALA A 122 5.54 11.44 -8.32
N ALA A 123 6.74 11.76 -8.82
CA ALA A 123 7.31 10.89 -9.87
C ALA A 123 7.49 9.45 -9.39
N ARG A 124 8.13 9.24 -8.24
CA ARG A 124 8.38 7.86 -7.82
C ARG A 124 7.10 7.22 -7.31
N THR A 125 6.21 8.02 -6.76
CA THR A 125 4.89 7.52 -6.41
C THR A 125 4.17 6.95 -7.64
N ASP A 126 4.17 7.71 -8.73
CA ASP A 126 3.51 7.27 -9.97
C ASP A 126 4.20 6.04 -10.49
N ALA A 127 5.54 6.05 -10.48
CA ALA A 127 6.31 4.88 -10.94
C ALA A 127 5.89 3.61 -10.18
N GLU A 128 5.93 3.64 -8.85
CA GLU A 128 5.45 2.52 -8.01
C GLU A 128 4.05 2.05 -8.40
N HIS A 129 3.15 3.01 -8.57
CA HIS A 129 1.78 2.68 -8.94
C HIS A 129 1.68 1.96 -10.33
N THR A 130 2.47 2.45 -11.28
CA THR A 130 2.59 1.82 -12.59
C THR A 130 3.15 0.41 -12.50
N MET A 131 4.16 0.23 -11.63
CA MET A 131 4.77 -1.04 -11.43
C MET A 131 3.76 -2.03 -10.86
N PHE A 132 2.98 -1.58 -9.89
CA PHE A 132 1.88 -2.39 -9.34
C PHE A 132 0.85 -2.74 -10.41
N THR A 133 0.56 -1.78 -11.29
CA THR A 133 -0.43 -2.03 -12.35
C THR A 133 0.03 -3.15 -13.33
N VAL A 134 1.31 -3.13 -13.69
CA VAL A 134 1.88 -4.17 -14.57
C VAL A 134 1.74 -5.53 -13.90
N ALA A 135 2.02 -5.60 -12.60
CA ALA A 135 1.89 -6.86 -11.86
C ALA A 135 0.47 -7.40 -11.84
N VAL A 136 -0.50 -6.54 -11.67
CA VAL A 136 -1.88 -7.03 -11.76
C VAL A 136 -2.20 -7.57 -13.16
N GLY A 137 -1.75 -6.84 -14.17
CA GLY A 137 -1.85 -7.30 -15.54
C GLY A 137 -1.29 -8.69 -15.74
N ALA A 138 -0.09 -8.95 -15.16
CA ALA A 138 0.49 -10.29 -15.21
C ALA A 138 -0.40 -11.31 -14.54
N ALA A 139 -1.03 -10.98 -13.42
CA ALA A 139 -1.90 -11.94 -12.75
C ALA A 139 -3.19 -12.15 -13.53
N VAL A 140 -3.59 -11.15 -14.30
CA VAL A 140 -4.77 -11.31 -15.14
C VAL A 140 -4.50 -12.39 -16.20
N GLN A 141 -3.39 -12.25 -16.93
CA GLN A 141 -3.05 -13.25 -17.92
C GLN A 141 -2.97 -14.62 -17.29
N ALA A 142 -2.31 -14.71 -16.13
CA ALA A 142 -2.15 -15.98 -15.46
C ALA A 142 -3.51 -16.59 -15.07
N LEU A 143 -4.44 -15.78 -14.64
CA LEU A 143 -5.79 -16.27 -14.42
C LEU A 143 -6.43 -16.77 -15.72
N LEU A 144 -6.31 -16.02 -16.80
CA LEU A 144 -7.03 -16.41 -18.05
C LEU A 144 -6.53 -17.76 -18.56
N VAL A 145 -5.22 -17.97 -18.43
CA VAL A 145 -4.59 -19.22 -18.81
C VAL A 145 -4.94 -20.35 -17.87
N ALA A 146 -4.84 -20.09 -16.55
CA ALA A 146 -5.23 -21.06 -15.53
C ALA A 146 -6.64 -21.60 -15.77
N LEU A 147 -7.53 -20.72 -16.25
CA LEU A 147 -8.90 -21.14 -16.56
C LEU A 147 -8.94 -22.00 -17.82
N ALA A 148 -8.28 -21.54 -18.87
CA ALA A 148 -8.26 -22.24 -20.14
C ALA A 148 -7.78 -23.67 -19.99
N VAL A 149 -6.69 -23.84 -19.25
CA VAL A 149 -6.10 -25.14 -18.97
C VAL A 149 -7.04 -26.05 -18.15
N ARG A 150 -8.02 -25.45 -17.50
CA ARG A 150 -9.07 -26.22 -16.82
C ARG A 150 -10.35 -26.27 -17.66
N GLY A 151 -10.25 -25.92 -18.94
CA GLY A 151 -11.37 -26.06 -19.85
C GLY A 151 -12.33 -24.91 -19.88
N LEU A 152 -12.00 -23.81 -19.21
CA LEU A 152 -12.88 -22.65 -19.06
C LEU A 152 -12.40 -21.50 -19.92
N GLY A 153 -13.34 -20.97 -20.70
CA GLY A 153 -13.11 -19.81 -21.52
C GLY A 153 -13.21 -18.58 -20.62
N SER A 154 -12.77 -17.45 -21.16
CA SER A 154 -12.77 -16.24 -20.38
C SER A 154 -12.56 -15.07 -21.28
N CYS A 155 -12.82 -13.87 -20.77
CA CYS A 155 -12.58 -12.65 -21.50
C CYS A 155 -12.27 -11.56 -20.53
N TRP A 156 -11.19 -10.82 -20.74
CA TRP A 156 -10.89 -9.64 -19.94
C TRP A 156 -11.34 -8.38 -20.70
N ILE A 157 -12.07 -7.50 -20.01
CA ILE A 157 -12.63 -6.29 -20.56
C ILE A 157 -12.22 -5.14 -19.64
N GLY A 158 -11.88 -3.99 -20.20
CA GLY A 158 -11.34 -2.88 -19.39
C GLY A 158 -12.39 -2.00 -18.71
N SER A 159 -13.65 -2.17 -19.08
CA SER A 159 -14.74 -1.27 -18.66
C SER A 159 -14.71 -0.72 -17.21
N THR A 160 -14.38 -1.52 -16.20
CA THR A 160 -14.42 -1.01 -14.80
C THR A 160 -13.40 0.09 -14.54
N ILE A 161 -12.35 0.13 -15.36
CA ILE A 161 -11.32 1.13 -15.24
C ILE A 161 -11.90 2.52 -15.46
N PHE A 162 -12.97 2.61 -16.27
CA PHE A 162 -13.62 3.87 -16.62
C PHE A 162 -14.67 4.28 -15.58
N ALA A 163 -14.94 3.43 -14.58
CA ALA A 163 -15.93 3.72 -13.54
C ALA A 163 -15.48 3.27 -12.14
N ALA A 164 -14.27 3.66 -11.77
CA ALA A 164 -13.65 3.14 -10.55
C ALA A 164 -14.40 3.54 -9.28
N ASP A 165 -14.77 4.81 -9.16
CA ASP A 165 -15.56 5.27 -8.01
C ASP A 165 -16.86 4.50 -7.82
N LEU A 166 -17.59 4.23 -8.90
CA LEU A 166 -18.84 3.47 -8.85
C LEU A 166 -18.59 2.05 -8.37
N VAL A 167 -17.49 1.49 -8.86
CA VAL A 167 -17.12 0.14 -8.48
C VAL A 167 -16.82 0.10 -6.96
N ARG A 168 -16.00 1.02 -6.47
CA ARG A 168 -15.68 1.09 -5.03
C ARG A 168 -16.95 1.33 -4.22
N ASP A 169 -17.80 2.24 -4.70
CA ASP A 169 -19.04 2.51 -4.00
C ASP A 169 -19.92 1.27 -3.94
N GLU A 170 -20.19 0.68 -5.10
CA GLU A 170 -21.11 -0.45 -5.14
C GLU A 170 -20.63 -1.66 -4.32
N LEU A 171 -19.32 -1.91 -4.30
CA LEU A 171 -18.73 -3.01 -3.54
C LEU A 171 -18.25 -2.61 -2.12
N ASP A 172 -18.47 -1.36 -1.71
CA ASP A 172 -18.04 -0.85 -0.41
C ASP A 172 -16.56 -1.08 -0.13
N LEU A 173 -15.73 -0.83 -1.13
CA LEU A 173 -14.31 -0.99 -0.97
C LEU A 173 -13.64 0.33 -0.71
N PRO A 174 -12.49 0.29 -0.01
CA PRO A 174 -11.79 1.51 0.33
C PRO A 174 -11.18 2.19 -0.89
N VAL A 175 -10.87 3.47 -0.72
CA VAL A 175 -10.49 4.30 -1.83
C VAL A 175 -9.23 3.84 -2.56
N ASP A 176 -8.32 3.14 -1.89
CA ASP A 176 -7.11 2.71 -2.58
C ASP A 176 -7.21 1.36 -3.32
N TRP A 177 -8.39 0.74 -3.33
CA TRP A 177 -8.66 -0.39 -4.19
C TRP A 177 -9.09 0.09 -5.58
N GLU A 178 -8.26 -0.22 -6.56
CA GLU A 178 -8.40 0.26 -7.93
C GLU A 178 -8.79 -0.86 -8.91
N PRO A 179 -9.97 -0.74 -9.54
CA PRO A 179 -10.35 -1.86 -10.41
C PRO A 179 -9.59 -1.80 -11.73
N LEU A 180 -9.24 -2.95 -12.27
CA LEU A 180 -8.44 -3.01 -13.46
C LEU A 180 -9.15 -3.91 -14.49
N GLY A 181 -10.47 -3.74 -14.57
CA GLY A 181 -11.25 -4.40 -15.59
C GLY A 181 -12.19 -5.41 -14.97
N ALA A 182 -12.51 -6.44 -15.75
CA ALA A 182 -13.42 -7.45 -15.30
C ALA A 182 -13.15 -8.66 -16.15
N ILE A 183 -13.35 -9.83 -15.59
CA ILE A 183 -13.03 -11.07 -16.29
C ILE A 183 -14.28 -11.93 -16.27
N ALA A 184 -14.87 -12.13 -17.46
CA ALA A 184 -16.02 -12.97 -17.63
C ALA A 184 -15.56 -14.42 -17.71
N ILE A 185 -16.28 -15.35 -17.11
CA ILE A 185 -15.83 -16.76 -17.06
C ILE A 185 -16.94 -17.73 -17.30
N GLY A 186 -16.64 -18.77 -18.07
CA GLY A 186 -17.62 -19.80 -18.46
C GLY A 186 -17.12 -20.74 -19.54
N TYR A 187 -17.88 -21.82 -19.78
CA TYR A 187 -17.57 -22.72 -20.90
C TYR A 187 -17.96 -22.03 -22.19
N ALA A 188 -17.05 -22.06 -23.17
CA ALA A 188 -17.29 -21.45 -24.47
C ALA A 188 -18.52 -22.04 -25.13
N ASP A 189 -19.35 -21.22 -25.73
CA ASP A 189 -20.53 -21.74 -26.44
C ASP A 189 -20.14 -22.55 -27.68
N GLU A 190 -19.25 -22.01 -28.49
CA GLU A 190 -18.71 -22.72 -29.65
C GLU A 190 -17.22 -23.02 -29.39
N PRO A 191 -16.82 -24.30 -29.40
CA PRO A 191 -15.39 -24.66 -29.35
C PRO A 191 -14.50 -23.85 -30.29
N SER A 192 -13.22 -23.79 -30.01
CA SER A 192 -12.30 -23.05 -30.85
C SER A 192 -10.98 -23.80 -31.01
N GLY A 193 -10.37 -23.69 -32.18
CA GLY A 193 -9.04 -24.27 -32.42
C GLY A 193 -7.99 -23.51 -31.63
N LEU A 194 -6.80 -24.09 -31.50
CA LEU A 194 -5.73 -23.43 -30.76
C LEU A 194 -5.19 -22.26 -31.58
N ARG A 195 -4.65 -21.28 -30.89
CA ARG A 195 -3.87 -20.25 -31.56
C ARG A 195 -2.63 -20.90 -32.17
N ASP A 196 -2.18 -20.39 -33.30
CA ASP A 196 -0.89 -20.73 -33.87
C ASP A 196 -0.22 -19.38 -34.12
N PRO A 197 0.56 -18.86 -33.15
CA PRO A 197 1.00 -17.46 -33.23
C PRO A 197 1.91 -17.14 -34.42
N VAL A 198 1.70 -15.97 -35.01
CA VAL A 198 2.50 -15.54 -36.13
C VAL A 198 3.69 -14.82 -35.53
N PRO A 199 4.81 -14.70 -36.29
CA PRO A 199 6.00 -14.01 -35.80
C PRO A 199 5.71 -12.59 -35.32
N ALA A 200 6.51 -12.11 -34.37
CA ALA A 200 6.25 -10.82 -33.74
C ALA A 200 6.33 -9.68 -34.74
N ALA A 201 7.19 -9.82 -35.76
CA ALA A 201 7.40 -8.83 -36.78
C ALA A 201 7.64 -7.43 -36.17
N ASP A 202 6.81 -6.44 -36.51
CA ASP A 202 7.08 -5.06 -36.06
C ASP A 202 6.83 -4.86 -34.55
N LEU A 203 6.31 -5.86 -33.86
CA LEU A 203 6.13 -5.76 -32.40
C LEU A 203 7.39 -6.13 -31.59
N LEU A 204 8.39 -6.67 -32.24
CA LEU A 204 9.67 -6.97 -31.59
C LEU A 204 10.74 -6.06 -32.19
N ILE A 205 11.32 -5.19 -31.37
CA ILE A 205 12.29 -4.22 -31.81
C ILE A 205 13.69 -4.63 -31.31
N LEU A 206 14.69 -4.53 -32.19
CA LEU A 206 16.06 -4.95 -31.90
C LEU A 206 16.96 -3.74 -31.75
N LYS A 207 17.70 -3.67 -30.65
CA LYS A 207 18.62 -2.56 -30.40
C LYS A 207 20.05 -3.02 -30.09
N MET B 3 -1.76 -43.01 -23.02
CA MET B 3 -0.68 -42.24 -22.33
C MET B 3 -0.64 -40.78 -22.82
N THR B 4 -0.64 -40.61 -24.14
CA THR B 4 -0.42 -39.31 -24.78
C THR B 4 -1.54 -38.29 -24.53
N ALA B 5 -2.78 -38.77 -24.50
CA ALA B 5 -3.92 -37.97 -24.09
C ALA B 5 -3.68 -37.40 -22.69
N GLU B 6 -3.33 -38.27 -21.74
CA GLU B 6 -2.98 -37.85 -20.36
C GLU B 6 -1.86 -36.79 -20.34
N ALA B 7 -0.77 -37.11 -21.02
CA ALA B 7 0.45 -36.29 -21.00
C ALA B 7 0.19 -34.90 -21.55
N LEU B 8 -0.66 -34.83 -22.57
CA LEU B 8 -1.01 -33.57 -23.20
C LEU B 8 -1.78 -32.67 -22.22
N GLU B 9 -2.81 -33.26 -21.59
CA GLU B 9 -3.50 -32.64 -20.46
C GLU B 9 -2.54 -32.20 -19.36
N LEU B 10 -1.62 -33.07 -18.93
CA LEU B 10 -0.65 -32.71 -17.88
C LEU B 10 0.29 -31.57 -18.30
N GLY B 11 0.79 -31.64 -19.55
CA GLY B 11 1.64 -30.59 -20.10
C GLY B 11 1.02 -29.20 -20.04
N ARG B 12 -0.23 -29.12 -20.51
CA ARG B 12 -1.01 -27.91 -20.42
C ARG B 12 -1.17 -27.42 -18.97
N GLN B 13 -1.44 -28.33 -18.06
CA GLN B 13 -1.55 -28.00 -16.63
C GLN B 13 -0.21 -27.52 -16.05
N GLN B 14 0.91 -28.07 -16.50
CA GLN B 14 2.19 -27.69 -15.91
C GLN B 14 2.71 -26.28 -16.28
N ALA B 15 2.21 -25.71 -17.38
CA ALA B 15 2.95 -24.64 -18.05
C ALA B 15 3.32 -23.46 -17.15
N GLN B 16 2.32 -22.91 -16.49
CA GLN B 16 2.55 -21.71 -15.65
C GLN B 16 3.31 -22.09 -14.40
N LEU B 17 3.31 -23.40 -14.11
CA LEU B 17 3.91 -23.87 -12.88
C LEU B 17 5.39 -24.04 -13.07
N LEU B 18 5.88 -23.90 -14.32
CA LEU B 18 7.30 -23.94 -14.59
C LEU B 18 7.95 -22.58 -14.38
N ARG B 19 7.15 -21.53 -14.31
CA ARG B 19 7.64 -20.15 -14.28
C ARG B 19 8.13 -19.74 -12.90
N ARG B 20 9.39 -19.30 -12.82
CA ARG B 20 9.97 -18.75 -11.59
C ARG B 20 10.61 -17.44 -11.87
N SER B 21 10.73 -16.63 -10.83
CA SER B 21 11.48 -15.39 -10.94
C SER B 21 12.88 -15.86 -10.66
N VAL B 22 13.60 -16.13 -11.74
CA VAL B 22 14.95 -16.66 -11.67
C VAL B 22 15.95 -15.53 -11.49
N ARG B 23 16.78 -15.63 -10.45
CA ARG B 23 17.78 -14.60 -10.12
C ARG B 23 19.24 -14.96 -10.57
N ARG B 24 19.56 -16.22 -10.83
CA ARG B 24 20.91 -16.64 -11.29
C ARG B 24 20.86 -17.51 -12.56
N PHE B 25 21.57 -17.10 -13.62
CA PHE B 25 21.60 -17.85 -14.88
C PHE B 25 22.96 -18.46 -15.22
N SER B 26 22.94 -19.57 -15.95
CA SER B 26 24.13 -20.16 -16.56
C SER B 26 24.82 -19.21 -17.50
N THR B 27 25.98 -19.63 -17.98
CA THR B 27 26.63 -18.98 -19.12
C THR B 27 26.25 -19.65 -20.46
N ASP B 28 25.38 -20.67 -20.44
CA ASP B 28 24.84 -21.24 -21.69
C ASP B 28 24.20 -20.12 -22.52
N PRO B 29 24.60 -19.98 -23.79
CA PRO B 29 23.93 -18.97 -24.63
C PRO B 29 22.48 -19.31 -24.94
N VAL B 30 21.67 -18.29 -25.12
CA VAL B 30 20.24 -18.50 -25.32
C VAL B 30 19.97 -18.51 -26.81
N PRO B 31 19.41 -19.62 -27.34
CA PRO B 31 19.12 -19.56 -28.80
C PRO B 31 18.16 -18.44 -29.13
N GLY B 32 18.56 -17.55 -30.05
CA GLY B 32 17.69 -16.52 -30.60
C GLY B 32 16.31 -16.96 -31.03
N ASP B 33 16.23 -18.11 -31.69
CA ASP B 33 14.94 -18.61 -32.21
C ASP B 33 13.90 -18.77 -31.10
N LEU B 34 14.35 -19.21 -29.92
CA LEU B 34 13.44 -19.44 -28.80
C LEU B 34 12.91 -18.12 -28.25
N VAL B 35 13.79 -17.11 -28.16
CA VAL B 35 13.35 -15.81 -27.71
C VAL B 35 12.27 -15.30 -28.68
N GLU B 36 12.53 -15.39 -29.98
CA GLU B 36 11.61 -14.85 -30.97
C GLU B 36 10.27 -15.55 -30.89
N ALA B 37 10.30 -16.87 -30.74
CA ALA B 37 9.07 -17.63 -30.65
C ALA B 37 8.33 -17.32 -29.35
N ALA B 38 9.07 -17.12 -28.27
CA ALA B 38 8.46 -16.80 -26.99
C ALA B 38 7.74 -15.46 -27.12
N VAL B 39 8.37 -14.50 -27.77
CA VAL B 39 7.79 -13.14 -27.91
C VAL B 39 6.51 -13.24 -28.77
N ALA B 40 6.51 -14.09 -29.79
CA ALA B 40 5.31 -14.32 -30.59
C ALA B 40 4.15 -14.87 -29.73
N GLU B 41 4.48 -15.76 -28.81
CA GLU B 41 3.47 -16.35 -27.94
C GLU B 41 3.00 -15.35 -26.88
N ALA B 42 3.92 -14.50 -26.44
CA ALA B 42 3.57 -13.44 -25.47
C ALA B 42 2.51 -12.49 -26.00
N LEU B 43 2.55 -12.26 -27.29
CA LEU B 43 1.65 -11.32 -27.94
C LEU B 43 0.30 -11.94 -28.20
N THR B 44 0.09 -13.14 -27.67
CA THR B 44 -1.24 -13.72 -27.64
C THR B 44 -2.04 -13.25 -26.41
N ALA B 45 -1.40 -12.55 -25.50
CA ALA B 45 -2.12 -12.00 -24.33
C ALA B 45 -3.24 -11.05 -24.82
N PRO B 46 -4.29 -10.86 -24.03
CA PRO B 46 -5.39 -10.07 -24.51
C PRO B 46 -5.02 -8.56 -24.62
N ALA B 47 -5.72 -7.85 -25.49
CA ALA B 47 -5.58 -6.41 -25.62
C ALA B 47 -6.96 -5.89 -25.89
N PRO B 48 -7.18 -4.59 -25.63
CA PRO B 48 -8.41 -3.96 -26.05
C PRO B 48 -8.60 -4.07 -27.54
N HIS B 49 -9.84 -4.15 -27.94
CA HIS B 49 -10.20 -4.26 -29.34
C HIS B 49 -9.36 -3.32 -30.21
N HIS B 50 -8.74 -3.85 -31.25
CA HIS B 50 -8.11 -3.04 -32.29
C HIS B 50 -6.96 -2.17 -31.76
N THR B 51 -6.20 -2.68 -30.81
CA THR B 51 -5.04 -1.97 -30.32
C THR B 51 -3.88 -2.90 -30.32
N ARG B 52 -2.68 -2.34 -30.22
CA ARG B 52 -1.48 -3.15 -30.03
C ARG B 52 -0.67 -2.42 -29.01
N PRO B 53 -1.01 -2.59 -27.74
CA PRO B 53 -0.39 -1.84 -26.65
C PRO B 53 1.06 -2.09 -26.42
N THR B 54 1.52 -3.26 -26.82
CA THR B 54 2.82 -3.74 -26.36
C THR B 54 3.84 -3.77 -27.47
N ARG B 55 5.09 -3.44 -27.12
CA ARG B 55 6.29 -3.70 -27.91
C ARG B 55 7.33 -4.31 -26.99
N PHE B 56 8.10 -5.27 -27.53
CA PHE B 56 9.26 -5.79 -26.80
C PHE B 56 10.51 -5.29 -27.47
N VAL B 57 11.42 -4.77 -26.66
CA VAL B 57 12.60 -4.16 -27.14
C VAL B 57 13.76 -4.96 -26.63
N TRP B 58 14.36 -5.71 -27.55
CA TRP B 58 15.36 -6.71 -27.20
C TRP B 58 16.69 -6.01 -27.29
N LEU B 59 17.39 -5.88 -26.19
CA LEU B 59 18.66 -5.15 -26.19
C LEU B 59 19.82 -6.05 -26.52
N GLN B 60 19.98 -6.33 -27.80
CA GLN B 60 20.99 -7.29 -28.28
C GLN B 60 22.42 -6.78 -28.20
N THR B 61 22.61 -5.48 -28.41
CA THR B 61 23.92 -4.84 -28.37
C THR B 61 24.41 -4.61 -26.93
N PRO B 62 25.52 -5.27 -26.53
CA PRO B 62 25.90 -5.22 -25.13
C PRO B 62 26.29 -3.82 -24.64
N ALA B 63 26.96 -3.04 -25.48
CA ALA B 63 27.43 -1.71 -25.05
C ALA B 63 26.24 -0.80 -24.80
N ILE B 64 25.18 -0.97 -25.58
CA ILE B 64 23.99 -0.16 -25.39
C ILE B 64 23.34 -0.56 -24.07
N ARG B 65 23.21 -1.87 -23.83
CA ARG B 65 22.60 -2.38 -22.58
C ARG B 65 23.34 -1.87 -21.35
N ALA B 66 24.67 -1.87 -21.38
CA ALA B 66 25.47 -1.42 -20.24
C ALA B 66 25.41 0.10 -20.06
N ARG B 67 25.33 0.84 -21.15
CA ARG B 67 25.22 2.30 -21.02
C ARG B 67 23.85 2.68 -20.39
N LEU B 68 22.80 1.97 -20.78
CA LEU B 68 21.47 2.22 -20.23
C LEU B 68 21.40 1.92 -18.72
N LEU B 69 21.83 0.72 -18.35
CA LEU B 69 21.88 0.30 -16.97
C LEU B 69 22.74 1.26 -16.14
N ASP B 70 23.90 1.63 -16.67
CA ASP B 70 24.80 2.57 -15.99
C ASP B 70 24.13 3.90 -15.68
N ARG B 71 23.37 4.42 -16.65
CA ARG B 71 22.67 5.67 -16.47
C ARG B 71 21.57 5.52 -15.42
N MET B 72 20.90 4.38 -15.39
CA MET B 72 19.83 4.13 -14.41
C MET B 72 20.39 4.05 -12.99
N LYS B 73 21.44 3.24 -12.83
CA LYS B 73 22.20 3.16 -11.58
C LYS B 73 22.62 4.55 -11.05
N ASP B 74 23.12 5.41 -11.93
CA ASP B 74 23.51 6.77 -11.56
C ASP B 74 22.30 7.56 -10.99
N LYS B 75 21.17 7.56 -11.69
CA LYS B 75 19.96 8.21 -11.20
C LYS B 75 19.51 7.63 -9.83
N TRP B 76 19.42 6.31 -9.78
CA TRP B 76 18.99 5.59 -8.59
C TRP B 76 19.85 5.96 -7.37
N ARG B 77 21.17 5.93 -7.55
CA ARG B 77 22.11 6.38 -6.51
C ARG B 77 21.86 7.79 -6.01
N SER B 78 21.72 8.75 -6.93
CA SER B 78 21.51 10.12 -6.51
C SER B 78 20.09 10.33 -5.96
N ASP B 79 19.07 9.65 -6.51
CA ASP B 79 17.74 9.64 -5.87
C ASP B 79 17.83 9.20 -4.39
N LEU B 80 18.49 8.08 -4.12
CA LEU B 80 18.66 7.60 -2.72
C LEU B 80 19.57 8.46 -1.81
N THR B 81 20.59 9.08 -2.39
CA THR B 81 21.45 9.98 -1.65
C THR B 81 20.63 11.19 -1.20
N SER B 82 19.81 11.71 -2.11
CA SER B 82 18.83 12.75 -1.77
C SER B 82 17.88 12.37 -0.65
N ASP B 83 17.39 11.13 -0.63
CA ASP B 83 16.57 10.61 0.48
C ASP B 83 17.32 10.51 1.81
N GLY B 84 18.64 10.65 1.76
CA GLY B 84 19.46 10.67 2.96
C GLY B 84 19.76 9.28 3.45
N LEU B 85 19.69 8.26 2.59
CA LEU B 85 20.09 6.93 3.04
C LEU B 85 21.60 6.87 3.27
N PRO B 86 22.02 5.98 4.17
CA PRO B 86 23.45 5.80 4.31
C PRO B 86 24.02 5.18 3.03
N ALA B 87 25.29 5.48 2.77
CA ALA B 87 25.99 5.00 1.58
C ALA B 87 25.89 3.47 1.41
N ASP B 88 26.03 2.71 2.50
CA ASP B 88 25.97 1.24 2.42
C ASP B 88 24.57 0.72 2.06
N ALA B 89 23.53 1.43 2.50
CA ALA B 89 22.16 1.02 2.22
C ALA B 89 21.85 1.32 0.74
N ILE B 90 22.33 2.46 0.29
CA ILE B 90 22.24 2.83 -1.12
C ILE B 90 22.88 1.72 -1.94
N GLU B 91 24.15 1.41 -1.62
CA GLU B 91 24.87 0.35 -2.36
C GLU B 91 24.13 -0.99 -2.34
N ARG B 92 23.63 -1.40 -1.18
CA ARG B 92 22.79 -2.60 -1.10
C ARG B 92 21.60 -2.58 -2.05
N ARG B 93 20.89 -1.46 -2.13
CA ARG B 93 19.71 -1.38 -3.02
C ARG B 93 20.08 -1.41 -4.51
N VAL B 94 21.11 -0.63 -4.83
CA VAL B 94 21.65 -0.53 -6.18
C VAL B 94 22.11 -1.91 -6.68
N ALA B 95 22.73 -2.70 -5.79
CA ALA B 95 23.24 -4.03 -6.16
C ALA B 95 22.17 -4.98 -6.68
N ARG B 96 20.92 -4.77 -6.26
CA ARG B 96 19.83 -5.61 -6.71
C ARG B 96 19.67 -5.51 -8.24
N GLY B 97 20.20 -4.45 -8.83
CA GLY B 97 20.15 -4.27 -10.28
C GLY B 97 21.15 -5.09 -11.07
N GLN B 98 22.11 -5.72 -10.38
CA GLN B 98 23.18 -6.50 -11.04
C GLN B 98 22.65 -7.55 -12.01
N ILE B 99 21.54 -8.14 -11.64
CA ILE B 99 20.89 -9.14 -12.48
C ILE B 99 20.77 -8.70 -13.97
N LEU B 100 20.47 -7.44 -14.22
CA LEU B 100 20.26 -6.98 -15.60
C LEU B 100 21.60 -6.87 -16.34
N TYR B 101 22.68 -6.60 -15.61
CA TYR B 101 24.02 -6.55 -16.24
C TYR B 101 24.46 -7.94 -16.69
N ASP B 102 24.21 -8.90 -15.83
CA ASP B 102 24.73 -10.23 -15.96
C ASP B 102 23.89 -11.12 -16.84
N ALA B 103 22.62 -10.78 -17.03
CA ALA B 103 21.71 -11.68 -17.75
C ALA B 103 22.19 -11.97 -19.18
N PRO B 104 22.05 -13.23 -19.66
CA PRO B 104 22.39 -13.48 -21.07
C PRO B 104 21.59 -12.60 -22.04
N GLU B 105 20.31 -12.40 -21.77
CA GLU B 105 19.49 -11.51 -22.61
C GLU B 105 18.62 -10.60 -21.78
N VAL B 106 18.40 -9.39 -22.28
CA VAL B 106 17.51 -8.44 -21.61
C VAL B 106 16.50 -7.92 -22.67
N VAL B 107 15.23 -8.00 -22.33
CA VAL B 107 14.17 -7.50 -23.17
C VAL B 107 13.31 -6.47 -22.33
N ILE B 108 13.03 -5.28 -22.90
CA ILE B 108 12.25 -4.27 -22.20
C ILE B 108 10.83 -4.31 -22.76
N PRO B 109 9.86 -4.52 -21.89
CA PRO B 109 8.47 -4.38 -22.33
C PRO B 109 8.07 -2.91 -22.33
N MET B 110 7.36 -2.49 -23.39
CA MET B 110 6.96 -1.11 -23.50
C MET B 110 5.52 -0.95 -23.93
N LEU B 111 4.93 0.14 -23.46
CA LEU B 111 3.62 0.54 -23.81
C LEU B 111 3.76 1.55 -24.93
N VAL B 112 2.94 1.42 -25.97
CA VAL B 112 2.79 2.43 -27.00
C VAL B 112 1.30 2.63 -27.22
N PRO B 113 0.87 3.86 -27.52
CA PRO B 113 -0.57 4.11 -27.71
C PRO B 113 -1.08 3.72 -29.08
N ASP B 114 -0.67 2.56 -29.60
CA ASP B 114 -1.14 2.07 -30.89
C ASP B 114 -2.62 1.66 -30.79
N GLY B 115 -3.48 2.46 -31.39
CA GLY B 115 -4.91 2.21 -31.33
C GLY B 115 -5.63 2.86 -30.14
N ALA B 116 -4.90 3.64 -29.34
CA ALA B 116 -5.53 4.38 -28.24
C ALA B 116 -6.57 5.31 -28.80
N HIS B 117 -7.63 5.44 -28.03
CA HIS B 117 -8.71 6.32 -28.34
C HIS B 117 -8.26 7.72 -27.87
N SER B 118 -8.57 8.75 -28.65
CA SER B 118 -8.30 10.15 -28.26
C SER B 118 -9.52 10.79 -27.59
N TYR B 119 -9.40 11.06 -26.29
CA TYR B 119 -10.47 11.67 -25.47
C TYR B 119 -10.09 13.10 -25.10
N PRO B 120 -11.07 13.98 -25.06
CA PRO B 120 -10.72 15.34 -24.68
C PRO B 120 -10.47 15.53 -23.19
N ASP B 121 -10.81 14.55 -22.38
CA ASP B 121 -10.81 14.70 -20.94
C ASP B 121 -9.71 13.86 -20.31
N ALA B 122 -9.14 14.36 -19.23
CA ALA B 122 -8.10 13.64 -18.53
C ALA B 122 -8.58 12.31 -17.95
N ALA B 123 -9.83 12.24 -17.45
CA ALA B 123 -10.28 11.00 -16.78
C ALA B 123 -10.25 9.80 -17.71
N ARG B 124 -10.90 9.89 -18.87
CA ARG B 124 -10.91 8.76 -19.81
C ARG B 124 -9.54 8.51 -20.43
N THR B 125 -8.77 9.57 -20.65
CA THR B 125 -7.39 9.47 -21.14
C THR B 125 -6.55 8.63 -20.18
N ASP B 126 -6.66 8.90 -18.88
CA ASP B 126 -5.84 8.15 -17.91
C ASP B 126 -6.36 6.73 -17.87
N ALA B 127 -7.67 6.55 -18.00
CA ALA B 127 -8.28 5.21 -17.97
C ALA B 127 -7.81 4.33 -19.11
N GLU B 128 -7.75 4.94 -20.29
CA GLU B 128 -7.24 4.27 -21.48
C GLU B 128 -5.78 3.87 -21.29
N HIS B 129 -5.02 4.78 -20.73
CA HIS B 129 -3.61 4.53 -20.43
C HIS B 129 -3.41 3.37 -19.41
N THR B 130 -4.18 3.39 -18.34
CA THR B 130 -4.19 2.28 -17.39
C THR B 130 -4.55 0.94 -18.04
N MET B 131 -5.52 0.95 -18.92
CA MET B 131 -5.95 -0.24 -19.61
C MET B 131 -4.81 -0.78 -20.48
N PHE B 132 -4.12 0.10 -21.17
CA PHE B 132 -2.99 -0.30 -21.99
C PHE B 132 -1.89 -0.88 -21.10
N THR B 133 -1.70 -0.30 -19.94
CA THR B 133 -0.66 -0.75 -18.99
C THR B 133 -0.95 -2.17 -18.50
N VAL B 134 -2.22 -2.42 -18.14
CA VAL B 134 -2.68 -3.76 -17.73
C VAL B 134 -2.39 -4.77 -18.82
N ALA B 135 -2.68 -4.40 -20.06
CA ALA B 135 -2.46 -5.28 -21.20
C ALA B 135 -0.98 -5.60 -21.38
N VAL B 136 -0.11 -4.61 -21.24
CA VAL B 136 1.34 -4.91 -21.31
C VAL B 136 1.78 -5.91 -20.20
N GLY B 137 1.30 -5.70 -18.98
CA GLY B 137 1.55 -6.67 -17.91
C GLY B 137 1.10 -8.08 -18.26
N ALA B 138 -0.02 -8.20 -18.97
CA ALA B 138 -0.50 -9.51 -19.39
C ALA B 138 0.47 -10.11 -20.39
N ALA B 139 0.96 -9.27 -21.32
CA ALA B 139 1.96 -9.65 -22.29
C ALA B 139 3.28 -10.05 -21.61
N VAL B 140 3.60 -9.42 -20.49
CA VAL B 140 4.79 -9.78 -19.68
C VAL B 140 4.71 -11.21 -19.09
N GLN B 141 3.62 -11.51 -18.38
CA GLN B 141 3.40 -12.87 -17.86
C GLN B 141 3.49 -13.87 -18.99
N ALA B 142 2.78 -13.61 -20.09
CA ALA B 142 2.81 -14.50 -21.24
C ALA B 142 4.22 -14.76 -21.75
N LEU B 143 5.06 -13.73 -21.75
CA LEU B 143 6.44 -13.93 -22.17
C LEU B 143 7.20 -14.83 -21.20
N LEU B 144 7.03 -14.58 -19.92
CA LEU B 144 7.72 -15.33 -18.91
C LEU B 144 7.35 -16.82 -19.02
N VAL B 145 6.08 -17.09 -19.31
CA VAL B 145 5.57 -18.45 -19.39
C VAL B 145 6.01 -19.10 -20.71
N ALA B 146 5.96 -18.35 -21.79
CA ALA B 146 6.39 -18.83 -23.10
C ALA B 146 7.87 -19.18 -23.04
N LEU B 147 8.66 -18.37 -22.35
CA LEU B 147 10.04 -18.77 -22.10
C LEU B 147 10.20 -20.05 -21.26
N ALA B 148 9.46 -20.12 -20.16
CA ALA B 148 9.54 -21.30 -19.28
C ALA B 148 9.26 -22.60 -20.02
N VAL B 149 8.29 -22.61 -20.92
CA VAL B 149 7.91 -23.86 -21.61
C VAL B 149 8.90 -24.28 -22.68
N ARG B 150 9.89 -23.40 -22.93
CA ARG B 150 10.97 -23.64 -23.87
C ARG B 150 12.24 -23.82 -23.09
N GLY B 151 12.12 -24.00 -21.78
CA GLY B 151 13.24 -24.32 -20.92
C GLY B 151 14.08 -23.15 -20.45
N LEU B 152 13.56 -21.94 -20.62
CA LEU B 152 14.30 -20.73 -20.33
C LEU B 152 13.69 -20.06 -19.11
N GLY B 153 14.55 -19.70 -18.15
CA GLY B 153 14.15 -18.95 -16.98
C GLY B 153 14.08 -17.48 -17.32
N SER B 154 13.48 -16.70 -16.43
CA SER B 154 13.35 -15.27 -16.66
C SER B 154 13.05 -14.58 -15.34
N CYS B 155 13.15 -13.26 -15.35
CA CYS B 155 12.82 -12.45 -14.17
C CYS B 155 12.40 -11.09 -14.68
N TRP B 156 11.26 -10.58 -14.23
CA TRP B 156 10.85 -9.23 -14.58
C TRP B 156 11.16 -8.28 -13.47
N ILE B 157 11.78 -7.16 -13.79
CA ILE B 157 12.19 -6.21 -12.79
C ILE B 157 11.58 -4.87 -13.17
N GLY B 158 11.13 -4.11 -12.17
CA GLY B 158 10.43 -2.86 -12.43
C GLY B 158 11.28 -1.64 -12.69
N SER B 159 12.59 -1.73 -12.45
CA SER B 159 13.49 -0.57 -12.46
C SER B 159 13.37 0.45 -13.62
N THR B 160 13.21 0.01 -14.86
CA THR B 160 13.11 1.01 -15.96
C THR B 160 11.94 1.99 -15.82
N ILE B 161 10.88 1.58 -15.14
CA ILE B 161 9.72 2.45 -14.85
C ILE B 161 10.11 3.72 -14.09
N PHE B 162 11.14 3.62 -13.25
CA PHE B 162 11.61 4.74 -12.49
C PHE B 162 12.61 5.60 -13.27
N ALA B 163 12.98 5.20 -14.49
CA ALA B 163 13.94 5.97 -15.30
C ALA B 163 13.48 6.08 -16.74
N ALA B 164 12.21 6.43 -16.94
CA ALA B 164 11.62 6.38 -18.27
C ALA B 164 12.29 7.33 -19.30
N ASP B 165 12.51 8.59 -18.94
CA ASP B 165 13.21 9.51 -19.85
C ASP B 165 14.61 9.00 -20.24
N LEU B 166 15.37 8.45 -19.30
CA LEU B 166 16.68 7.89 -19.61
C LEU B 166 16.60 6.76 -20.61
N VAL B 167 15.64 5.87 -20.43
CA VAL B 167 15.47 4.73 -21.32
C VAL B 167 15.15 5.21 -22.75
N ARG B 168 14.19 6.12 -22.85
CA ARG B 168 13.86 6.70 -24.15
C ARG B 168 15.03 7.45 -24.75
N ASP B 169 15.77 8.20 -23.93
CA ASP B 169 16.92 8.93 -24.46
C ASP B 169 18.00 7.98 -24.99
N GLU B 170 18.35 6.98 -24.21
CA GLU B 170 19.41 6.05 -24.56
C GLU B 170 19.04 5.11 -25.72
N LEU B 171 17.75 4.83 -25.90
CA LEU B 171 17.30 3.95 -26.98
C LEU B 171 16.75 4.74 -28.19
N ASP B 172 16.78 6.06 -28.10
CA ASP B 172 16.29 6.95 -29.15
C ASP B 172 14.82 6.77 -29.48
N LEU B 173 14.00 6.50 -28.47
CA LEU B 173 12.59 6.24 -28.72
C LEU B 173 11.79 7.51 -28.52
N PRO B 174 10.65 7.61 -29.23
CA PRO B 174 9.76 8.74 -29.10
C PRO B 174 9.17 8.83 -27.69
N VAL B 175 8.72 10.03 -27.33
CA VAL B 175 8.21 10.27 -25.98
C VAL B 175 7.07 9.34 -25.57
N ASP B 176 6.23 8.91 -26.51
CA ASP B 176 5.08 8.09 -26.12
C ASP B 176 5.34 6.57 -25.94
N TRP B 177 6.59 6.14 -26.10
CA TRP B 177 6.96 4.77 -25.73
C TRP B 177 7.32 4.75 -24.25
N GLU B 178 6.62 3.93 -23.49
CA GLU B 178 6.77 3.91 -22.04
C GLU B 178 7.29 2.55 -21.54
N PRO B 179 8.47 2.55 -20.91
CA PRO B 179 9.01 1.30 -20.40
C PRO B 179 8.31 0.80 -19.13
N LEU B 180 8.06 -0.50 -19.07
CA LEU B 180 7.31 -1.16 -18.03
C LEU B 180 8.15 -2.25 -17.41
N GLY B 181 9.44 -1.93 -17.26
CA GLY B 181 10.40 -2.76 -16.55
C GLY B 181 11.42 -3.37 -17.48
N ALA B 182 11.85 -4.57 -17.13
CA ALA B 182 12.85 -5.22 -17.89
C ALA B 182 12.77 -6.69 -17.57
N ILE B 183 13.00 -7.51 -18.58
CA ILE B 183 12.96 -8.96 -18.42
C ILE B 183 14.33 -9.54 -18.73
N ALA B 184 14.98 -10.11 -17.71
CA ALA B 184 16.23 -10.86 -17.89
C ALA B 184 15.92 -12.30 -18.25
N ILE B 185 16.73 -12.88 -19.14
CA ILE B 185 16.44 -14.19 -19.74
C ILE B 185 17.68 -15.07 -19.81
N GLY B 186 17.48 -16.34 -19.51
CA GLY B 186 18.56 -17.28 -19.51
C GLY B 186 18.13 -18.65 -18.98
N TYR B 187 19.04 -19.60 -19.12
CA TYR B 187 18.93 -20.91 -18.49
C TYR B 187 19.20 -20.76 -17.01
N ALA B 188 18.31 -21.29 -16.18
CA ALA B 188 18.48 -21.23 -14.72
C ALA B 188 19.80 -21.88 -14.32
N ASP B 189 20.42 -21.36 -13.25
CA ASP B 189 21.68 -21.94 -12.77
C ASP B 189 21.36 -23.26 -12.05
N GLU B 190 20.30 -23.24 -11.23
CA GLU B 190 19.82 -24.48 -10.60
C GLU B 190 18.43 -24.78 -11.13
N PRO B 191 18.16 -26.05 -11.46
CA PRO B 191 16.80 -26.36 -11.88
C PRO B 191 15.82 -26.22 -10.71
N SER B 192 14.55 -26.12 -11.03
CA SER B 192 13.51 -25.91 -10.04
C SER B 192 12.38 -26.88 -10.31
N GLY B 193 11.77 -27.41 -9.25
CA GLY B 193 10.58 -28.24 -9.38
C GLY B 193 9.42 -27.42 -9.93
N LEU B 194 8.32 -28.10 -10.28
CA LEU B 194 7.07 -27.43 -10.60
C LEU B 194 6.56 -26.76 -9.33
N ARG B 195 6.12 -25.50 -9.46
CA ARG B 195 5.37 -24.81 -8.41
C ARG B 195 4.18 -25.61 -7.95
N ASP B 196 3.86 -25.48 -6.66
CA ASP B 196 2.65 -26.04 -6.09
C ASP B 196 1.91 -24.87 -5.46
N PRO B 197 1.00 -24.22 -6.21
CA PRO B 197 0.50 -22.91 -5.73
C PRO B 197 -0.31 -23.03 -4.44
N VAL B 198 -0.18 -22.08 -3.54
CA VAL B 198 -0.94 -22.16 -2.30
C VAL B 198 -2.35 -21.66 -2.57
N PRO B 199 -3.32 -22.05 -1.76
CA PRO B 199 -4.65 -21.46 -1.81
C PRO B 199 -4.60 -19.92 -1.81
N ALA B 200 -5.51 -19.29 -2.54
CA ALA B 200 -5.58 -17.84 -2.63
C ALA B 200 -5.75 -17.15 -1.28
N ALA B 201 -6.54 -17.76 -0.39
CA ALA B 201 -6.79 -17.21 0.94
C ALA B 201 -7.34 -15.78 0.86
N ASP B 202 -6.68 -14.82 1.51
CA ASP B 202 -7.18 -13.44 1.56
C ASP B 202 -6.94 -12.61 0.32
N LEU B 203 -6.42 -13.22 -0.74
CA LEU B 203 -6.27 -12.54 -2.02
C LEU B 203 -7.46 -12.73 -2.96
N LEU B 204 -8.40 -13.61 -2.58
CA LEU B 204 -9.62 -13.79 -3.31
C LEU B 204 -10.70 -13.29 -2.41
N ILE B 205 -11.44 -12.29 -2.86
CA ILE B 205 -12.51 -11.72 -2.07
C ILE B 205 -13.86 -12.06 -2.73
N LEU B 206 -14.80 -12.51 -1.91
CA LEU B 206 -16.13 -12.90 -2.39
C LEU B 206 -17.12 -11.79 -2.08
N LYS B 207 -17.84 -11.36 -3.11
CA LYS B 207 -18.82 -10.28 -2.96
C LYS B 207 -20.21 -10.70 -3.41
N GLN C 13 19.05 12.62 30.64
CA GLN C 13 18.93 12.81 29.15
C GLN C 13 18.56 11.53 28.38
N GLN C 14 18.39 10.42 29.09
CA GLN C 14 18.31 9.09 28.48
C GLN C 14 17.07 8.27 28.90
N ALA C 15 16.04 8.98 29.41
CA ALA C 15 14.77 8.35 29.79
C ALA C 15 14.15 7.56 28.63
N GLN C 16 14.18 8.14 27.43
CA GLN C 16 13.55 7.49 26.27
C GLN C 16 14.36 6.34 25.70
N LEU C 17 15.66 6.32 26.03
CA LEU C 17 16.55 5.27 25.59
C LEU C 17 16.39 4.01 26.46
N LEU C 18 15.76 4.17 27.62
CA LEU C 18 15.36 3.02 28.44
C LEU C 18 14.14 2.29 27.88
N ARG C 19 13.37 2.96 27.05
CA ARG C 19 12.12 2.37 26.58
C ARG C 19 12.35 1.39 25.42
N ARG C 20 11.98 0.14 25.66
CA ARG C 20 11.90 -0.87 24.61
C ARG C 20 10.46 -1.35 24.59
N SER C 21 10.05 -1.98 23.50
CA SER C 21 8.79 -2.72 23.48
C SER C 21 9.10 -4.10 24.05
N VAL C 22 8.86 -4.27 25.35
CA VAL C 22 9.21 -5.51 26.03
C VAL C 22 8.16 -6.57 25.75
N ARG C 23 8.60 -7.71 25.23
CA ARG C 23 7.73 -8.82 24.85
C ARG C 23 7.72 -10.00 25.85
N ARG C 24 8.59 -9.97 26.86
CA ARG C 24 8.70 -11.06 27.81
C ARG C 24 8.89 -10.48 29.21
N PHE C 25 7.96 -10.77 30.11
CA PHE C 25 8.02 -10.23 31.46
C PHE C 25 8.30 -11.30 32.51
N SER C 26 9.12 -10.94 33.50
CA SER C 26 9.30 -11.78 34.66
C SER C 26 8.01 -11.75 35.47
N THR C 27 7.90 -12.71 36.37
CA THR C 27 6.70 -12.82 37.19
C THR C 27 6.69 -11.83 38.37
N ASP C 28 7.83 -11.20 38.69
CA ASP C 28 7.90 -10.21 39.77
C ASP C 28 6.67 -9.28 39.74
N PRO C 29 5.96 -9.15 40.88
CA PRO C 29 4.75 -8.32 40.87
C PRO C 29 5.05 -6.84 40.74
N VAL C 30 4.12 -6.10 40.17
CA VAL C 30 4.29 -4.69 39.93
C VAL C 30 3.72 -3.88 41.07
N PRO C 31 4.53 -3.02 41.71
CA PRO C 31 3.95 -2.17 42.75
C PRO C 31 2.94 -1.20 42.15
N GLY C 32 1.67 -1.35 42.50
CA GLY C 32 0.62 -0.47 42.01
C GLY C 32 0.91 1.01 42.15
N ASP C 33 1.62 1.43 43.19
CA ASP C 33 1.87 2.87 43.31
C ASP C 33 2.76 3.47 42.21
N LEU C 34 3.63 2.66 41.62
CA LEU C 34 4.42 3.10 40.45
C LEU C 34 3.56 3.28 39.19
N VAL C 35 2.57 2.42 39.02
CA VAL C 35 1.63 2.50 37.90
C VAL C 35 0.80 3.79 38.01
N GLU C 36 0.27 4.05 39.20
CA GLU C 36 -0.45 5.30 39.49
C GLU C 36 0.42 6.53 39.22
N ALA C 37 1.68 6.50 39.66
CA ALA C 37 2.58 7.64 39.50
C ALA C 37 2.94 7.87 38.05
N ALA C 38 3.25 6.79 37.34
CA ALA C 38 3.53 6.87 35.91
C ALA C 38 2.34 7.39 35.11
N VAL C 39 1.12 6.93 35.42
CA VAL C 39 -0.11 7.43 34.76
C VAL C 39 -0.30 8.95 34.98
N ALA C 40 0.11 9.45 36.14
CA ALA C 40 0.03 10.90 36.44
C ALA C 40 0.99 11.74 35.59
N GLU C 41 2.20 11.21 35.41
CA GLU C 41 3.22 11.82 34.54
C GLU C 41 2.80 11.80 33.06
N ALA C 42 1.99 10.81 32.67
CA ALA C 42 1.52 10.73 31.29
C ALA C 42 0.63 11.91 30.90
N LEU C 43 -0.08 12.48 31.86
CA LEU C 43 -0.84 13.70 31.61
C LEU C 43 0.03 14.91 31.30
N THR C 44 1.36 14.79 31.46
CA THR C 44 2.26 15.87 31.04
C THR C 44 2.32 15.98 29.52
N ALA C 45 1.83 14.96 28.83
CA ALA C 45 1.72 15.00 27.38
C ALA C 45 0.84 16.16 26.98
N PRO C 46 1.09 16.73 25.79
CA PRO C 46 0.37 17.91 25.37
C PRO C 46 -1.03 17.55 24.86
N ALA C 47 -1.98 18.43 25.14
CA ALA C 47 -3.34 18.27 24.65
C ALA C 47 -3.74 19.55 23.93
N PRO C 48 -4.65 19.47 22.94
CA PRO C 48 -5.16 20.70 22.34
C PRO C 48 -5.69 21.69 23.38
N HIS C 49 -5.45 22.99 23.16
CA HIS C 49 -5.87 24.05 24.07
C HIS C 49 -7.22 23.70 24.70
N HIS C 50 -7.21 23.59 26.02
CA HIS C 50 -8.42 23.41 26.81
C HIS C 50 -9.14 22.11 26.49
N THR C 51 -8.38 21.01 26.36
CA THR C 51 -8.95 19.64 26.17
C THR C 51 -8.31 18.64 27.17
N ARG C 52 -9.00 17.53 27.39
CA ARG C 52 -8.42 16.41 28.15
C ARG C 52 -8.73 15.09 27.41
N PRO C 53 -7.95 14.74 26.37
CA PRO C 53 -8.35 13.69 25.45
C PRO C 53 -8.18 12.26 25.95
N THR C 54 -7.35 12.06 26.97
CA THR C 54 -6.92 10.70 27.37
C THR C 54 -7.50 10.32 28.69
N ARG C 55 -7.90 9.05 28.80
CA ARG C 55 -8.04 8.32 30.06
C ARG C 55 -7.25 7.01 29.97
N PHE C 56 -6.83 6.48 31.11
CA PHE C 56 -6.20 5.16 31.16
C PHE C 56 -7.05 4.20 31.99
N VAL C 57 -7.38 3.05 31.43
CA VAL C 57 -8.25 2.10 32.12
C VAL C 57 -7.44 0.91 32.53
N TRP C 58 -7.17 0.82 33.82
CA TRP C 58 -6.36 -0.24 34.35
C TRP C 58 -7.24 -1.47 34.55
N LEU C 59 -6.93 -2.58 33.89
CA LEU C 59 -7.69 -3.82 34.00
C LEU C 59 -7.20 -4.66 35.17
N GLN C 60 -7.61 -4.28 36.36
CA GLN C 60 -7.13 -4.90 37.60
C GLN C 60 -7.79 -6.23 37.92
N THR C 61 -9.02 -6.46 37.46
CA THR C 61 -9.74 -7.70 37.79
C THR C 61 -9.34 -8.85 36.81
N PRO C 62 -8.79 -9.95 37.35
CA PRO C 62 -8.34 -11.03 36.45
C PRO C 62 -9.43 -11.57 35.53
N ALA C 63 -10.63 -11.82 36.09
CA ALA C 63 -11.79 -12.30 35.32
C ALA C 63 -12.27 -11.35 34.21
N ILE C 64 -12.25 -10.04 34.46
CA ILE C 64 -12.74 -9.08 33.45
C ILE C 64 -11.78 -9.03 32.27
N ARG C 65 -10.49 -8.94 32.60
CA ARG C 65 -9.42 -8.93 31.63
C ARG C 65 -9.47 -10.15 30.73
N ALA C 66 -9.60 -11.33 31.33
CA ALA C 66 -9.62 -12.59 30.57
C ALA C 66 -10.83 -12.65 29.67
N ARG C 67 -12.00 -12.24 30.17
CA ARG C 67 -13.21 -12.25 29.34
C ARG C 67 -13.07 -11.28 28.19
N LEU C 68 -12.44 -10.12 28.43
CA LEU C 68 -12.29 -9.15 27.36
C LEU C 68 -11.39 -9.68 26.25
N LEU C 69 -10.22 -10.15 26.62
CA LEU C 69 -9.24 -10.66 25.67
C LEU C 69 -9.77 -11.85 24.91
N ASP C 70 -10.53 -12.71 25.60
CA ASP C 70 -11.23 -13.85 24.99
C ASP C 70 -12.24 -13.44 23.94
N ARG C 71 -13.04 -12.42 24.21
CA ARG C 71 -14.04 -11.98 23.22
C ARG C 71 -13.32 -11.34 22.06
N MET C 72 -12.33 -10.49 22.36
CA MET C 72 -11.44 -9.97 21.33
C MET C 72 -10.79 -11.06 20.50
N LYS C 73 -10.28 -12.08 21.15
CA LYS C 73 -9.71 -13.24 20.42
C LYS C 73 -10.72 -13.93 19.52
N ASP C 74 -11.92 -14.20 20.03
CA ASP C 74 -13.00 -14.77 19.22
C ASP C 74 -13.25 -13.95 17.95
N LYS C 75 -13.33 -12.63 18.11
CA LYS C 75 -13.58 -11.77 16.95
C LYS C 75 -12.44 -11.83 15.94
N TRP C 76 -11.21 -11.70 16.42
CA TRP C 76 -10.03 -11.73 15.57
C TRP C 76 -10.00 -13.02 14.73
N ARG C 77 -10.19 -14.15 15.38
CA ARG C 77 -10.26 -15.44 14.69
C ARG C 77 -11.36 -15.49 13.64
N SER C 78 -12.57 -15.10 14.05
CA SER C 78 -13.71 -14.99 13.16
C SER C 78 -13.39 -14.16 11.89
N ASP C 79 -12.79 -12.98 12.07
CA ASP C 79 -12.41 -12.08 10.99
C ASP C 79 -11.45 -12.75 10.01
N LEU C 80 -10.36 -13.32 10.54
CA LEU C 80 -9.32 -13.93 9.71
C LEU C 80 -9.82 -15.20 9.03
N THR C 81 -10.73 -15.91 9.69
CA THR C 81 -11.41 -17.06 9.09
C THR C 81 -12.28 -16.59 7.93
N SER C 82 -12.99 -15.49 8.14
CA SER C 82 -13.80 -14.89 7.09
C SER C 82 -12.96 -14.45 5.86
N ASP C 83 -11.71 -14.06 6.10
CA ASP C 83 -10.75 -13.71 5.01
C ASP C 83 -10.21 -14.92 4.26
N GLY C 84 -10.35 -16.09 4.87
CA GLY C 84 -9.94 -17.34 4.28
C GLY C 84 -8.51 -17.70 4.58
N LEU C 85 -7.90 -17.09 5.60
CA LEU C 85 -6.56 -17.51 5.98
C LEU C 85 -6.54 -18.96 6.49
N PRO C 86 -5.42 -19.66 6.31
CA PRO C 86 -5.31 -21.03 6.79
C PRO C 86 -5.11 -21.06 8.33
N ALA C 87 -5.43 -22.19 8.96
CA ALA C 87 -5.37 -22.34 10.43
C ALA C 87 -4.02 -21.91 11.03
N ASP C 88 -2.94 -22.40 10.42
CA ASP C 88 -1.55 -22.11 10.82
C ASP C 88 -1.33 -20.62 11.03
N ALA C 89 -1.61 -19.84 10.00
CA ALA C 89 -1.35 -18.40 10.01
C ALA C 89 -2.26 -17.66 11.00
N ILE C 90 -3.52 -18.08 11.11
CA ILE C 90 -4.45 -17.48 12.04
C ILE C 90 -3.88 -17.58 13.45
N GLU C 91 -3.45 -18.77 13.81
CA GLU C 91 -2.89 -19.03 15.13
C GLU C 91 -1.60 -18.28 15.34
N ARG C 92 -0.79 -18.16 14.30
CA ARG C 92 0.40 -17.32 14.36
C ARG C 92 -0.01 -15.93 14.76
N ARG C 93 -0.94 -15.33 14.01
CA ARG C 93 -1.31 -13.93 14.22
C ARG C 93 -1.96 -13.70 15.60
N VAL C 94 -2.81 -14.61 16.04
CA VAL C 94 -3.45 -14.43 17.34
C VAL C 94 -2.40 -14.52 18.44
N ALA C 95 -1.36 -15.35 18.25
CA ALA C 95 -0.30 -15.49 19.24
C ALA C 95 0.27 -14.14 19.65
N ARG C 96 0.33 -13.19 18.73
CA ARG C 96 0.83 -11.86 19.06
C ARG C 96 0.06 -11.20 20.20
N GLY C 97 -1.19 -11.60 20.42
CA GLY C 97 -2.01 -11.10 21.51
C GLY C 97 -1.78 -11.74 22.86
N GLN C 98 -0.96 -12.79 22.91
CA GLN C 98 -0.73 -13.55 24.14
C GLN C 98 -0.07 -12.73 25.24
N ILE C 99 0.79 -11.80 24.85
CA ILE C 99 1.43 -10.91 25.82
C ILE C 99 0.42 -10.27 26.79
N LEU C 100 -0.77 -9.92 26.30
CA LEU C 100 -1.78 -9.27 27.15
C LEU C 100 -2.34 -10.19 28.23
N TYR C 101 -2.36 -11.49 27.96
CA TYR C 101 -2.77 -12.50 28.93
C TYR C 101 -1.71 -12.65 30.01
N ASP C 102 -0.46 -12.68 29.58
CA ASP C 102 0.65 -13.03 30.41
C ASP C 102 1.21 -11.86 31.20
N ALA C 103 1.04 -10.64 30.70
CA ALA C 103 1.58 -9.46 31.36
C ALA C 103 1.11 -9.28 32.79
N PRO C 104 2.02 -8.86 33.70
CA PRO C 104 1.57 -8.57 35.06
C PRO C 104 0.43 -7.56 35.11
N GLU C 105 0.53 -6.44 34.39
CA GLU C 105 -0.57 -5.49 34.35
C GLU C 105 -0.88 -5.06 32.92
N VAL C 106 -2.14 -4.72 32.70
CA VAL C 106 -2.59 -4.22 31.39
C VAL C 106 -3.40 -2.96 31.61
N VAL C 107 -3.09 -1.92 30.86
CA VAL C 107 -3.78 -0.63 30.91
C VAL C 107 -4.29 -0.35 29.49
N ILE C 108 -5.55 0.03 29.37
CA ILE C 108 -6.12 0.40 28.06
C ILE C 108 -6.16 1.93 27.89
N PRO C 109 -5.46 2.50 26.89
CA PRO C 109 -5.66 3.95 26.75
C PRO C 109 -6.93 4.27 25.96
N MET C 110 -7.63 5.33 26.35
CA MET C 110 -8.93 5.68 25.77
C MET C 110 -8.92 7.12 25.33
N LEU C 111 -9.51 7.36 24.18
CA LEU C 111 -9.83 8.72 23.76
C LEU C 111 -11.20 9.10 24.31
N VAL C 112 -11.31 10.32 24.84
CA VAL C 112 -12.57 10.87 25.32
C VAL C 112 -12.67 12.25 24.73
N PRO C 113 -13.70 12.53 23.89
CA PRO C 113 -13.80 13.80 23.16
C PRO C 113 -14.15 15.01 24.03
N ASP C 114 -13.48 15.11 25.17
CA ASP C 114 -13.79 16.03 26.26
C ASP C 114 -13.26 17.40 25.87
N GLY C 115 -14.19 18.29 25.54
CA GLY C 115 -13.85 19.63 25.07
C GLY C 115 -13.64 19.67 23.57
N ALA C 116 -13.99 18.60 22.89
CA ALA C 116 -13.90 18.58 21.42
C ALA C 116 -14.93 19.55 20.89
N HIS C 117 -14.51 20.37 19.92
CA HIS C 117 -15.38 21.36 19.30
C HIS C 117 -16.23 20.64 18.30
N SER C 118 -17.50 21.01 18.16
CA SER C 118 -18.32 20.38 17.12
C SER C 118 -18.44 21.30 15.90
N TYR C 119 -18.58 20.68 14.75
CA TYR C 119 -18.55 21.41 13.49
C TYR C 119 -19.76 21.04 12.62
N PRO C 120 -20.19 21.96 11.74
CA PRO C 120 -21.26 21.57 10.81
C PRO C 120 -20.81 20.55 9.75
N ASP C 121 -19.52 20.59 9.39
CA ASP C 121 -19.03 19.83 8.25
C ASP C 121 -18.26 18.64 8.70
N ALA C 122 -18.32 17.56 7.91
CA ALA C 122 -17.62 16.33 8.27
C ALA C 122 -16.09 16.46 8.25
N ALA C 123 -15.57 17.32 7.37
CA ALA C 123 -14.10 17.47 7.26
C ALA C 123 -13.49 18.00 8.55
N ARG C 124 -14.05 19.05 9.11
CA ARG C 124 -13.50 19.57 10.35
C ARG C 124 -13.86 18.66 11.53
N THR C 125 -15.03 18.00 11.48
CA THR C 125 -15.34 16.94 12.49
C THR C 125 -14.25 15.89 12.55
N ASP C 126 -13.92 15.33 11.40
CA ASP C 126 -12.88 14.33 11.32
C ASP C 126 -11.56 14.88 11.77
N ALA C 127 -11.24 16.10 11.36
CA ALA C 127 -9.97 16.68 11.80
C ALA C 127 -9.86 16.79 13.34
N GLU C 128 -10.92 17.27 13.97
CA GLU C 128 -10.92 17.42 15.45
C GLU C 128 -10.70 16.06 16.11
N HIS C 129 -11.42 15.05 15.64
CA HIS C 129 -11.18 13.68 16.15
C HIS C 129 -9.74 13.18 15.89
N THR C 130 -9.21 13.44 14.70
CA THR C 130 -7.81 13.09 14.43
C THR C 130 -6.89 13.78 15.40
N MET C 131 -7.15 15.06 15.68
CA MET C 131 -6.31 15.78 16.62
C MET C 131 -6.30 15.13 18.01
N PHE C 132 -7.47 14.76 18.49
CA PHE C 132 -7.58 14.06 19.77
C PHE C 132 -6.89 12.69 19.74
N THR C 133 -6.97 12.03 18.59
CA THR C 133 -6.31 10.73 18.44
C THR C 133 -4.80 10.88 18.60
N VAL C 134 -4.20 11.85 17.89
CA VAL C 134 -2.77 12.11 17.99
C VAL C 134 -2.38 12.38 19.45
N ALA C 135 -3.16 13.22 20.15
CA ALA C 135 -2.91 13.55 21.56
C ALA C 135 -2.83 12.32 22.46
N VAL C 136 -3.73 11.40 22.26
CA VAL C 136 -3.67 10.16 23.04
C VAL C 136 -2.36 9.41 22.81
N GLY C 137 -1.90 9.37 21.57
CA GLY C 137 -0.66 8.68 21.25
C GLY C 137 0.50 9.27 21.96
N ALA C 138 0.49 10.60 22.07
CA ALA C 138 1.51 11.29 22.83
C ALA C 138 1.46 10.87 24.31
N ALA C 139 0.26 10.75 24.86
CA ALA C 139 0.11 10.38 26.27
C ALA C 139 0.50 8.89 26.47
N VAL C 140 0.22 8.06 25.48
CA VAL C 140 0.76 6.68 25.50
C VAL C 140 2.29 6.69 25.60
N GLN C 141 2.95 7.42 24.72
CA GLN C 141 4.41 7.49 24.79
C GLN C 141 4.91 7.98 26.13
N ALA C 142 4.31 9.06 26.63
CA ALA C 142 4.64 9.59 27.95
C ALA C 142 4.54 8.53 29.06
N LEU C 143 3.55 7.65 28.94
CA LEU C 143 3.36 6.57 29.94
C LEU C 143 4.45 5.51 29.84
N LEU C 144 4.79 5.10 28.63
CA LEU C 144 5.82 4.09 28.43
C LEU C 144 7.13 4.57 29.04
N VAL C 145 7.47 5.86 28.84
CA VAL C 145 8.70 6.38 29.42
C VAL C 145 8.59 6.49 30.96
N ALA C 146 7.45 6.98 31.46
CA ALA C 146 7.28 7.11 32.89
C ALA C 146 7.35 5.72 33.55
N LEU C 147 6.85 4.69 32.85
CA LEU C 147 7.03 3.33 33.35
C LEU C 147 8.51 2.91 33.34
N ALA C 148 9.19 3.22 32.24
CA ALA C 148 10.56 2.82 32.05
C ALA C 148 11.48 3.44 33.11
N VAL C 149 11.20 4.71 33.44
CA VAL C 149 11.98 5.47 34.43
C VAL C 149 11.79 4.94 35.86
N ARG C 150 10.72 4.18 36.08
CA ARG C 150 10.48 3.57 37.36
C ARG C 150 10.78 2.08 37.30
N GLY C 151 11.63 1.67 36.35
CA GLY C 151 12.15 0.31 36.26
C GLY C 151 11.30 -0.66 35.46
N LEU C 152 10.16 -0.21 34.95
CA LEU C 152 9.15 -1.11 34.40
C LEU C 152 9.13 -1.15 32.87
N GLY C 153 9.06 -2.36 32.33
CA GLY C 153 9.00 -2.57 30.89
C GLY C 153 7.55 -2.48 30.48
N SER C 154 7.31 -2.24 29.20
CA SER C 154 5.95 -2.18 28.69
C SER C 154 5.89 -2.46 27.19
N CYS C 155 4.68 -2.58 26.68
CA CYS C 155 4.47 -2.83 25.27
C CYS C 155 3.12 -2.27 24.90
N TRP C 156 3.08 -1.48 23.85
CA TRP C 156 1.81 -0.99 23.36
C TRP C 156 1.47 -1.78 22.12
N ILE C 157 0.24 -2.27 22.08
CA ILE C 157 -0.26 -3.05 20.95
C ILE C 157 -1.62 -2.49 20.53
N GLY C 158 -1.87 -2.49 19.22
CA GLY C 158 -3.04 -1.85 18.68
C GLY C 158 -4.36 -2.59 18.79
N SER C 159 -4.31 -3.86 19.15
CA SER C 159 -5.45 -4.76 19.17
C SER C 159 -6.84 -4.19 19.51
N THR C 160 -6.98 -3.51 20.66
CA THR C 160 -8.31 -3.01 21.06
C THR C 160 -9.00 -2.10 20.01
N ILE C 161 -8.18 -1.47 19.16
CA ILE C 161 -8.69 -0.55 18.17
C ILE C 161 -9.58 -1.30 17.20
N PHE C 162 -9.29 -2.59 17.00
CA PHE C 162 -10.04 -3.45 16.11
C PHE C 162 -11.27 -4.09 16.74
N ALA C 163 -11.50 -3.87 18.02
CA ALA C 163 -12.61 -4.42 18.72
C ALA C 163 -13.16 -3.43 19.70
N ALA C 164 -13.47 -2.25 19.19
CA ALA C 164 -13.91 -1.16 20.02
C ALA C 164 -15.25 -1.41 20.72
N ASP C 165 -16.26 -1.86 19.97
CA ASP C 165 -17.57 -2.16 20.55
C ASP C 165 -17.45 -3.14 21.72
N LEU C 166 -16.66 -4.21 21.54
CA LEU C 166 -16.55 -5.22 22.58
C LEU C 166 -15.94 -4.63 23.82
N VAL C 167 -14.93 -3.78 23.65
CA VAL C 167 -14.26 -3.16 24.79
C VAL C 167 -15.26 -2.31 25.56
N ARG C 168 -16.09 -1.57 24.83
CA ARG C 168 -17.09 -0.70 25.47
C ARG C 168 -18.18 -1.50 26.18
N ASP C 169 -18.51 -2.68 25.65
CA ASP C 169 -19.55 -3.52 26.24
C ASP C 169 -19.07 -4.19 27.52
N GLU C 170 -17.89 -4.80 27.42
CA GLU C 170 -17.32 -5.55 28.53
C GLU C 170 -17.01 -4.64 29.72
N LEU C 171 -16.45 -3.48 29.43
CA LEU C 171 -16.08 -2.54 30.49
C LEU C 171 -17.21 -1.56 30.85
N ASP C 172 -18.34 -1.62 30.15
CA ASP C 172 -19.49 -0.74 30.38
C ASP C 172 -19.10 0.74 30.29
N LEU C 173 -18.45 1.11 29.20
CA LEU C 173 -18.01 2.50 29.00
C LEU C 173 -18.99 3.31 28.15
N PRO C 174 -18.92 4.65 28.22
CA PRO C 174 -19.77 5.47 27.37
C PRO C 174 -19.44 5.27 25.90
N VAL C 175 -20.44 5.44 25.05
CA VAL C 175 -20.29 5.17 23.62
C VAL C 175 -19.17 5.98 22.95
N ASP C 176 -18.90 7.20 23.41
CA ASP C 176 -17.89 8.04 22.78
C ASP C 176 -16.47 7.83 23.27
N TRP C 177 -16.27 6.96 24.27
CA TRP C 177 -14.92 6.55 24.67
C TRP C 177 -14.37 5.57 23.61
N GLU C 178 -13.18 5.83 23.09
CA GLU C 178 -12.59 5.00 22.04
C GLU C 178 -11.28 4.37 22.51
N PRO C 179 -11.22 3.02 22.55
CA PRO C 179 -10.02 2.32 22.99
C PRO C 179 -8.88 2.50 21.97
N LEU C 180 -7.65 2.73 22.42
CA LEU C 180 -6.56 3.00 21.50
C LEU C 180 -5.39 2.09 21.73
N GLY C 181 -5.70 0.79 21.76
CA GLY C 181 -4.72 -0.24 21.95
C GLY C 181 -4.72 -0.84 23.34
N ALA C 182 -3.55 -1.31 23.77
CA ALA C 182 -3.35 -1.78 25.11
C ALA C 182 -1.90 -1.71 25.48
N ILE C 183 -1.63 -1.47 26.76
CA ILE C 183 -0.27 -1.38 27.23
C ILE C 183 -0.02 -2.42 28.32
N ALA C 184 0.82 -3.40 27.98
CA ALA C 184 1.19 -4.43 28.94
C ALA C 184 2.38 -3.93 29.73
N ILE C 185 2.41 -4.22 31.02
CA ILE C 185 3.37 -3.64 31.94
C ILE C 185 3.98 -4.71 32.87
N GLY C 186 5.29 -4.68 33.00
CA GLY C 186 5.99 -5.61 33.89
C GLY C 186 7.47 -5.38 33.92
N TYR C 187 8.16 -6.07 34.83
CA TYR C 187 9.60 -6.08 34.85
C TYR C 187 10.09 -6.90 33.66
N ALA C 188 11.07 -6.37 32.96
CA ALA C 188 11.69 -7.08 31.84
C ALA C 188 12.30 -8.40 32.30
N ASP C 189 11.95 -9.49 31.62
CA ASP C 189 12.53 -10.81 31.93
C ASP C 189 14.04 -10.76 31.70
N GLU C 190 14.43 -10.19 30.56
CA GLU C 190 15.83 -9.97 30.24
C GLU C 190 16.10 -8.46 30.12
N PRO C 191 17.14 -7.96 30.81
CA PRO C 191 17.57 -6.56 30.60
C PRO C 191 17.96 -6.26 29.16
N LEU C 194 19.62 -0.01 26.60
CA LEU C 194 19.88 1.29 25.98
C LEU C 194 19.98 1.20 24.44
N ARG C 195 19.23 2.07 23.78
CA ARG C 195 18.90 1.89 22.36
C ARG C 195 20.03 2.15 21.36
N ASP C 196 20.61 3.35 21.41
CA ASP C 196 21.55 3.85 20.41
C ASP C 196 20.84 4.07 19.05
N PRO C 197 19.96 5.10 18.96
CA PRO C 197 19.08 5.28 17.79
C PRO C 197 19.84 5.58 16.49
N VAL C 198 19.36 5.02 15.39
CA VAL C 198 20.00 5.17 14.09
C VAL C 198 19.62 6.53 13.48
N PRO C 199 20.47 7.09 12.60
CA PRO C 199 20.00 8.31 11.93
C PRO C 199 18.61 8.21 11.31
N ALA C 200 17.89 9.32 11.30
CA ALA C 200 16.54 9.38 10.71
C ALA C 200 16.51 8.91 9.26
N ALA C 201 17.53 9.30 8.50
CA ALA C 201 17.66 8.96 7.10
C ALA C 201 16.38 9.30 6.32
N ASP C 202 15.76 8.35 5.63
CA ASP C 202 14.62 8.70 4.76
C ASP C 202 13.30 9.00 5.49
N LEU C 203 13.30 8.97 6.81
CA LEU C 203 12.11 9.30 7.57
C LEU C 203 12.07 10.79 7.94
N LEU C 204 13.12 11.52 7.58
CA LEU C 204 13.21 12.95 7.83
C LEU C 204 13.32 13.60 6.45
N ILE C 205 12.28 14.31 6.06
CA ILE C 205 12.11 14.88 4.74
C ILE C 205 12.42 16.38 4.86
N LEU C 206 13.33 16.88 4.03
CA LEU C 206 13.69 18.30 4.07
C LEU C 206 12.91 19.01 2.98
N LYS C 207 12.31 20.15 3.31
CA LYS C 207 11.54 20.91 2.32
C LYS C 207 12.03 22.35 2.17
N LEU D 18 10.36 18.18 32.30
CA LEU D 18 11.25 19.05 31.49
C LEU D 18 10.60 19.51 30.18
N ARG D 19 9.61 18.76 29.68
CA ARG D 19 8.81 19.21 28.54
C ARG D 19 7.80 20.26 29.00
N ARG D 20 7.68 21.33 28.23
CA ARG D 20 6.65 22.35 28.42
C ARG D 20 6.26 22.82 27.02
N SER D 21 5.00 23.21 26.83
CA SER D 21 4.57 23.77 25.54
C SER D 21 5.00 25.23 25.47
N VAL D 22 6.14 25.46 24.83
CA VAL D 22 6.76 26.78 24.79
C VAL D 22 6.06 27.66 23.74
N ARG D 23 5.50 28.78 24.20
CA ARG D 23 4.75 29.69 23.33
C ARG D 23 5.55 30.95 22.90
N ARG D 24 6.77 31.13 23.41
CA ARG D 24 7.66 32.23 22.98
C ARG D 24 9.11 31.77 22.91
N PHE D 25 9.76 31.95 21.76
CA PHE D 25 11.18 31.57 21.61
C PHE D 25 12.06 32.78 21.43
N SER D 26 13.34 32.62 21.79
CA SER D 26 14.35 33.64 21.50
C SER D 26 14.81 33.54 20.05
N THR D 27 15.71 34.45 19.70
CA THR D 27 16.15 34.60 18.32
C THR D 27 17.24 33.62 17.97
N ASP D 28 17.98 33.15 18.98
CA ASP D 28 19.15 32.32 18.78
C ASP D 28 18.86 31.21 17.77
N PRO D 29 19.75 31.04 16.77
CA PRO D 29 19.46 30.00 15.80
C PRO D 29 19.56 28.62 16.47
N VAL D 30 18.85 27.65 15.91
CA VAL D 30 18.88 26.28 16.40
C VAL D 30 19.89 25.49 15.60
N PRO D 31 20.84 24.82 16.27
CA PRO D 31 21.78 23.98 15.53
C PRO D 31 21.11 22.77 14.91
N GLY D 32 21.27 22.62 13.59
CA GLY D 32 20.64 21.54 12.85
C GLY D 32 20.88 20.14 13.38
N ASP D 33 22.07 19.86 13.89
CA ASP D 33 22.41 18.51 14.36
C ASP D 33 21.61 18.05 15.54
N LEU D 34 21.19 19.01 16.35
CA LEU D 34 20.34 18.73 17.48
C LEU D 34 18.94 18.39 17.00
N VAL D 35 18.50 19.03 15.92
CA VAL D 35 17.20 18.69 15.34
C VAL D 35 17.26 17.26 14.79
N GLU D 36 18.29 16.96 14.02
CA GLU D 36 18.45 15.64 13.40
C GLU D 36 18.56 14.53 14.44
N ALA D 37 19.39 14.76 15.45
CA ALA D 37 19.54 13.79 16.54
C ALA D 37 18.23 13.60 17.32
N ALA D 38 17.55 14.69 17.66
CA ALA D 38 16.22 14.57 18.29
C ALA D 38 15.20 13.83 17.44
N VAL D 39 15.20 14.07 16.13
CA VAL D 39 14.25 13.37 15.26
C VAL D 39 14.56 11.86 15.26
N ALA D 40 15.85 11.53 15.34
CA ALA D 40 16.26 10.14 15.36
C ALA D 40 15.82 9.46 16.65
N GLU D 41 16.00 10.15 17.78
CA GLU D 41 15.46 9.67 19.05
C GLU D 41 13.91 9.58 18.97
N ALA D 42 13.27 10.57 18.38
CA ALA D 42 11.78 10.52 18.24
C ALA D 42 11.28 9.26 17.52
N LEU D 43 12.05 8.82 16.54
CA LEU D 43 11.72 7.61 15.81
C LEU D 43 11.95 6.30 16.57
N THR D 44 12.36 6.38 17.83
CA THR D 44 12.40 5.20 18.68
C THR D 44 11.06 4.93 19.37
N ALA D 45 10.09 5.86 19.24
CA ALA D 45 8.71 5.57 19.64
C ALA D 45 8.20 4.26 19.01
N PRO D 46 7.25 3.59 19.70
CA PRO D 46 6.76 2.32 19.22
C PRO D 46 5.84 2.43 18.01
N ALA D 47 5.85 1.37 17.20
CA ALA D 47 5.06 1.35 16.02
C ALA D 47 4.53 -0.06 15.90
N PRO D 48 3.37 -0.21 15.27
CA PRO D 48 2.94 -1.57 14.95
C PRO D 48 4.02 -2.37 14.21
N HIS D 49 3.97 -3.69 14.40
CA HIS D 49 4.88 -4.64 13.75
C HIS D 49 5.05 -4.40 12.27
N HIS D 50 6.31 -4.22 11.85
CA HIS D 50 6.69 -4.04 10.43
C HIS D 50 6.03 -2.85 9.73
N THR D 51 5.92 -1.73 10.45
CA THR D 51 5.44 -0.49 9.85
C THR D 51 6.33 0.66 10.22
N ARG D 52 6.21 1.72 9.45
CA ARG D 52 6.88 3.00 9.69
C ARG D 52 5.84 4.12 9.42
N PRO D 53 4.93 4.36 10.37
CA PRO D 53 3.80 5.24 10.09
C PRO D 53 4.20 6.71 10.05
N THR D 54 5.37 7.05 10.58
CA THR D 54 5.73 8.45 10.78
C THR D 54 6.78 8.92 9.79
N ARG D 55 6.57 10.16 9.35
CA ARG D 55 7.54 10.94 8.63
C ARG D 55 7.55 12.32 9.30
N PHE D 56 8.72 12.94 9.35
CA PHE D 56 8.84 14.31 9.82
C PHE D 56 9.30 15.18 8.68
N VAL D 57 8.52 16.22 8.35
CA VAL D 57 8.85 17.08 7.25
C VAL D 57 9.32 18.40 7.80
N TRP D 58 10.61 18.71 7.61
CA TRP D 58 11.22 19.85 8.23
C TRP D 58 11.11 20.96 7.20
N LEU D 59 10.42 22.03 7.57
CA LEU D 59 10.20 23.13 6.64
C LEU D 59 11.35 24.07 6.67
N GLN D 60 12.42 23.72 5.99
CA GLN D 60 13.64 24.53 6.06
C GLN D 60 13.56 25.82 5.22
N THR D 61 12.98 25.74 4.03
CA THR D 61 12.92 26.91 3.16
C THR D 61 11.95 27.93 3.75
N PRO D 62 12.44 29.15 4.09
CA PRO D 62 11.52 30.11 4.72
C PRO D 62 10.32 30.43 3.85
N ALA D 63 10.52 30.64 2.56
CA ALA D 63 9.42 31.06 1.69
C ALA D 63 8.29 30.03 1.63
N ILE D 64 8.67 28.76 1.68
CA ILE D 64 7.72 27.68 1.64
C ILE D 64 6.92 27.67 2.91
N ARG D 65 7.61 27.73 4.04
CA ARG D 65 6.97 27.80 5.34
C ARG D 65 5.94 28.91 5.39
N ALA D 66 6.36 30.12 5.04
CA ALA D 66 5.46 31.29 5.09
C ALA D 66 4.24 31.14 4.17
N ARG D 67 4.47 30.68 2.95
CA ARG D 67 3.40 30.52 1.98
C ARG D 67 2.40 29.46 2.46
N LEU D 68 2.91 28.39 3.06
CA LEU D 68 2.04 27.33 3.60
C LEU D 68 1.18 27.94 4.72
N LEU D 69 1.83 28.68 5.61
CA LEU D 69 1.13 29.27 6.74
C LEU D 69 0.08 30.23 6.27
N ASP D 70 0.43 31.11 5.34
CA ASP D 70 -0.52 32.09 4.84
C ASP D 70 -1.76 31.48 4.21
N ARG D 71 -1.55 30.43 3.41
CA ARG D 71 -2.69 29.75 2.80
C ARG D 71 -3.54 29.09 3.89
N MET D 72 -2.91 28.52 4.91
CA MET D 72 -3.66 27.87 5.99
C MET D 72 -4.46 28.93 6.76
N LYS D 73 -3.84 30.07 7.03
CA LYS D 73 -4.53 31.12 7.80
C LYS D 73 -5.75 31.61 7.02
N ASP D 74 -5.60 31.76 5.71
CA ASP D 74 -6.70 32.19 4.87
C ASP D 74 -7.91 31.25 4.96
N LYS D 75 -7.65 29.96 4.83
CA LYS D 75 -8.68 28.96 4.96
C LYS D 75 -9.33 28.98 6.35
N TRP D 76 -8.51 29.04 7.39
CA TRP D 76 -8.99 29.15 8.74
C TRP D 76 -9.91 30.35 8.91
N ARG D 77 -9.50 31.51 8.41
CA ARG D 77 -10.33 32.70 8.54
C ARG D 77 -11.63 32.55 7.76
N SER D 78 -11.58 31.99 6.55
CA SER D 78 -12.81 31.72 5.74
C SER D 78 -13.79 30.76 6.44
N ASP D 79 -13.24 29.69 7.01
CA ASP D 79 -14.04 28.69 7.76
C ASP D 79 -14.73 29.34 8.95
N LEU D 80 -13.97 30.09 9.75
CA LEU D 80 -14.57 30.82 10.88
C LEU D 80 -15.57 31.90 10.43
N THR D 81 -15.31 32.56 9.30
CA THR D 81 -16.30 33.50 8.76
C THR D 81 -17.60 32.78 8.37
N SER D 82 -17.47 31.66 7.69
CA SER D 82 -18.62 30.84 7.35
C SER D 82 -19.39 30.36 8.60
N ASP D 83 -18.67 30.01 9.66
CA ASP D 83 -19.28 29.67 10.95
C ASP D 83 -20.02 30.82 11.65
N GLY D 84 -19.66 32.05 11.31
CA GLY D 84 -20.36 33.20 11.84
C GLY D 84 -19.69 33.84 13.05
N LEU D 85 -18.45 33.44 13.36
CA LEU D 85 -17.68 34.15 14.39
C LEU D 85 -17.42 35.62 14.02
N PRO D 86 -17.57 36.55 14.97
CA PRO D 86 -17.22 37.96 14.78
C PRO D 86 -15.72 38.18 14.54
N ALA D 87 -15.40 39.23 13.76
CA ALA D 87 -14.02 39.50 13.33
C ALA D 87 -13.01 39.37 14.49
N ASP D 88 -13.30 40.05 15.59
CA ASP D 88 -12.46 40.03 16.80
C ASP D 88 -12.17 38.62 17.29
N ALA D 89 -13.20 37.78 17.25
CA ALA D 89 -13.07 36.41 17.74
C ALA D 89 -12.25 35.56 16.80
N ILE D 90 -12.39 35.79 15.51
CA ILE D 90 -11.59 35.03 14.54
C ILE D 90 -10.08 35.29 14.79
N GLU D 91 -9.72 36.56 14.99
CA GLU D 91 -8.32 36.91 15.24
C GLU D 91 -7.74 36.32 16.54
N ARG D 92 -8.54 36.20 17.60
CA ARG D 92 -8.07 35.50 18.80
C ARG D 92 -7.72 34.05 18.51
N ARG D 93 -8.56 33.38 17.72
CA ARG D 93 -8.27 32.00 17.33
C ARG D 93 -6.98 32.00 16.54
N VAL D 94 -6.97 32.77 15.46
CA VAL D 94 -5.85 32.75 14.50
C VAL D 94 -4.52 33.10 15.18
N ALA D 95 -4.54 33.98 16.19
CA ALA D 95 -3.30 34.42 16.82
C ALA D 95 -2.55 33.26 17.48
N ARG D 96 -3.28 32.22 17.89
CA ARG D 96 -2.68 31.02 18.44
C ARG D 96 -1.66 30.37 17.48
N GLY D 97 -1.84 30.54 16.18
CA GLY D 97 -0.89 29.97 15.21
C GLY D 97 0.26 30.88 14.78
N GLN D 98 0.30 32.10 15.31
CA GLN D 98 1.37 33.02 15.01
C GLN D 98 2.73 32.47 15.44
N ILE D 99 2.77 31.71 16.54
CA ILE D 99 3.98 30.97 16.93
C ILE D 99 4.68 30.30 15.73
N LEU D 100 3.91 29.81 14.75
CA LEU D 100 4.52 29.01 13.69
C LEU D 100 5.29 29.86 12.68
N TYR D 101 4.92 31.13 12.55
CA TYR D 101 5.70 32.08 11.69
C TYR D 101 7.02 32.46 12.35
N ASP D 102 6.98 32.71 13.65
CA ASP D 102 8.10 33.26 14.41
C ASP D 102 9.11 32.22 14.90
N ALA D 103 8.68 30.97 15.04
CA ALA D 103 9.57 29.94 15.58
C ALA D 103 10.82 29.78 14.72
N PRO D 104 11.99 29.55 15.34
CA PRO D 104 13.21 29.29 14.57
C PRO D 104 13.10 28.11 13.61
N GLU D 105 12.57 26.98 14.06
CA GLU D 105 12.33 25.84 13.15
C GLU D 105 10.88 25.32 13.22
N VAL D 106 10.42 24.69 12.14
CA VAL D 106 9.09 24.07 12.09
C VAL D 106 9.18 22.74 11.39
N VAL D 107 8.64 21.72 12.05
CA VAL D 107 8.65 20.33 11.56
C VAL D 107 7.20 19.85 11.54
N ILE D 108 6.77 19.25 10.42
CA ILE D 108 5.41 18.73 10.29
C ILE D 108 5.46 17.21 10.46
N PRO D 109 4.83 16.68 11.50
CA PRO D 109 4.72 15.22 11.57
C PRO D 109 3.64 14.71 10.63
N MET D 110 3.93 13.60 9.95
CA MET D 110 2.98 13.10 8.98
C MET D 110 2.83 11.60 9.10
N LEU D 111 1.60 11.15 8.88
CA LEU D 111 1.29 9.76 8.74
C LEU D 111 1.47 9.32 7.31
N VAL D 112 2.07 8.15 7.11
CA VAL D 112 2.10 7.52 5.81
C VAL D 112 1.82 6.03 6.01
N PRO D 113 1.15 5.40 5.04
CA PRO D 113 0.74 4.01 5.26
C PRO D 113 1.82 2.99 4.94
N ASP D 114 3.01 3.23 5.46
CA ASP D 114 4.14 2.38 5.20
C ASP D 114 4.03 1.16 6.11
N GLY D 115 3.83 0.01 5.46
CA GLY D 115 3.60 -1.26 6.17
C GLY D 115 2.12 -1.54 6.44
N ALA D 116 1.22 -0.65 6.01
CA ALA D 116 -0.20 -0.81 6.36
C ALA D 116 -0.79 -2.07 5.70
N HIS D 117 -1.72 -2.69 6.41
CA HIS D 117 -2.43 -3.86 5.93
C HIS D 117 -3.60 -3.35 5.09
N SER D 118 -3.86 -4.06 3.99
CA SER D 118 -4.95 -3.69 3.06
C SER D 118 -6.17 -4.56 3.31
N TYR D 119 -7.20 -3.95 3.88
CA TYR D 119 -8.44 -4.66 4.17
C TYR D 119 -9.52 -4.27 3.18
N PRO D 120 -10.43 -5.21 2.89
CA PRO D 120 -11.53 -4.92 1.98
C PRO D 120 -12.67 -4.07 2.57
N ASP D 121 -12.69 -3.93 3.90
CA ASP D 121 -13.81 -3.35 4.62
C ASP D 121 -13.39 -2.02 5.27
N ALA D 122 -14.33 -1.09 5.41
CA ALA D 122 -14.01 0.22 6.01
C ALA D 122 -13.64 0.08 7.51
N ALA D 123 -14.26 -0.86 8.21
CA ALA D 123 -14.06 -0.98 9.65
C ALA D 123 -12.59 -1.26 9.97
N ARG D 124 -12.01 -2.31 9.38
CA ARG D 124 -10.61 -2.60 9.64
C ARG D 124 -9.65 -1.57 9.01
N THR D 125 -10.06 -0.98 7.89
CA THR D 125 -9.29 0.07 7.25
C THR D 125 -9.17 1.28 8.18
N ASP D 126 -10.28 1.63 8.82
CA ASP D 126 -10.29 2.81 9.71
C ASP D 126 -9.50 2.48 10.98
N ALA D 127 -9.58 1.24 11.46
CA ALA D 127 -8.82 0.82 12.63
C ALA D 127 -7.33 0.88 12.39
N GLU D 128 -6.89 0.36 11.24
CA GLU D 128 -5.50 0.42 10.89
C GLU D 128 -5.07 1.88 10.83
N HIS D 129 -5.88 2.72 10.21
CA HIS D 129 -5.57 4.16 10.11
C HIS D 129 -5.47 4.82 11.49
N THR D 130 -6.41 4.47 12.36
CA THR D 130 -6.37 4.98 13.71
C THR D 130 -5.11 4.52 14.42
N MET D 131 -4.71 3.29 14.18
CA MET D 131 -3.58 2.71 14.86
C MET D 131 -2.29 3.41 14.44
N PHE D 132 -2.17 3.71 13.15
CA PHE D 132 -1.06 4.49 12.62
C PHE D 132 -1.05 5.92 13.24
N THR D 133 -2.22 6.51 13.38
CA THR D 133 -2.33 7.88 13.97
C THR D 133 -1.76 7.92 15.41
N VAL D 134 -2.12 6.91 16.21
CA VAL D 134 -1.67 6.79 17.58
C VAL D 134 -0.15 6.70 17.62
N ALA D 135 0.44 5.90 16.75
CA ALA D 135 1.86 5.80 16.65
C ALA D 135 2.54 7.13 16.26
N VAL D 136 1.96 7.90 15.36
CA VAL D 136 2.54 9.21 15.01
C VAL D 136 2.52 10.14 16.22
N GLY D 137 1.42 10.12 16.96
CA GLY D 137 1.33 10.84 18.24
C GLY D 137 2.41 10.46 19.23
N ALA D 138 2.72 9.15 19.33
CA ALA D 138 3.81 8.69 20.17
C ALA D 138 5.17 9.24 19.72
N ALA D 139 5.36 9.33 18.41
CA ALA D 139 6.57 9.90 17.85
C ALA D 139 6.63 11.41 18.07
N VAL D 140 5.49 12.10 18.01
CA VAL D 140 5.46 13.54 18.34
C VAL D 140 5.94 13.80 19.74
N GLN D 141 5.39 13.07 20.70
CA GLN D 141 5.79 13.23 22.09
C GLN D 141 7.28 12.97 22.21
N ALA D 142 7.76 11.89 21.62
CA ALA D 142 9.19 11.58 21.70
C ALA D 142 10.03 12.72 21.16
N LEU D 143 9.59 13.37 20.07
CA LEU D 143 10.38 14.46 19.49
C LEU D 143 10.46 15.63 20.47
N LEU D 144 9.33 15.96 21.07
CA LEU D 144 9.26 17.08 21.98
C LEU D 144 10.17 16.89 23.19
N VAL D 145 10.18 15.66 23.73
CA VAL D 145 11.08 15.29 24.84
C VAL D 145 12.53 15.24 24.40
N ALA D 146 12.75 14.65 23.23
CA ALA D 146 14.11 14.57 22.67
C ALA D 146 14.71 15.95 22.53
N LEU D 147 13.87 16.91 22.15
CA LEU D 147 14.33 18.27 22.03
C LEU D 147 14.59 18.87 23.40
N ALA D 148 13.64 18.69 24.33
CA ALA D 148 13.77 19.30 25.65
C ALA D 148 15.04 18.87 26.36
N VAL D 149 15.38 17.58 26.25
CA VAL D 149 16.59 17.07 26.90
C VAL D 149 17.89 17.62 26.29
N ARG D 150 17.76 18.27 25.13
CA ARG D 150 18.87 18.94 24.47
C ARG D 150 18.76 20.44 24.61
N GLY D 151 17.96 20.94 25.55
CA GLY D 151 17.84 22.38 25.81
C GLY D 151 16.92 23.11 24.84
N LEU D 152 16.10 22.38 24.09
CA LEU D 152 15.19 23.00 23.13
C LEU D 152 13.72 22.89 23.53
N GLY D 153 13.06 24.03 23.64
CA GLY D 153 11.63 24.03 23.86
C GLY D 153 10.93 23.71 22.55
N SER D 154 9.65 23.41 22.64
CA SER D 154 8.83 23.19 21.48
C SER D 154 7.36 23.33 21.82
N CYS D 155 6.54 23.40 20.78
CA CYS D 155 5.09 23.50 20.93
C CYS D 155 4.45 22.75 19.77
N TRP D 156 3.56 21.80 20.07
CA TRP D 156 2.84 21.07 19.04
C TRP D 156 1.46 21.71 18.89
N ILE D 157 1.12 22.10 17.67
CA ILE D 157 -0.14 22.78 17.34
C ILE D 157 -0.86 21.93 16.29
N GLY D 158 -2.18 21.76 16.45
CA GLY D 158 -2.93 20.85 15.55
C GLY D 158 -3.26 21.38 14.17
N SER D 159 -3.01 22.66 13.92
CA SER D 159 -3.49 23.38 12.71
C SER D 159 -3.47 22.68 11.33
N THR D 160 -2.34 22.07 10.97
CA THR D 160 -2.23 21.41 9.65
C THR D 160 -3.25 20.31 9.42
N ILE D 161 -3.73 19.73 10.51
CA ILE D 161 -4.79 18.71 10.49
C ILE D 161 -6.08 19.29 9.88
N PHE D 162 -6.30 20.60 10.04
CA PHE D 162 -7.47 21.28 9.46
C PHE D 162 -7.28 21.78 8.01
N ALA D 163 -6.10 21.58 7.45
CA ALA D 163 -5.80 22.06 6.12
C ALA D 163 -4.99 21.05 5.36
N ALA D 164 -5.42 19.79 5.42
CA ALA D 164 -4.66 18.69 4.86
C ALA D 164 -4.41 18.83 3.39
N ASP D 165 -5.46 19.11 2.61
CA ASP D 165 -5.28 19.20 1.17
C ASP D 165 -4.31 20.31 0.75
N LEU D 166 -4.43 21.46 1.40
CA LEU D 166 -3.53 22.56 1.17
C LEU D 166 -2.09 22.19 1.51
N VAL D 167 -1.91 21.43 2.57
CA VAL D 167 -0.56 21.05 2.99
C VAL D 167 0.08 20.16 1.93
N ARG D 168 -0.67 19.17 1.44
CA ARG D 168 -0.13 18.30 0.40
C ARG D 168 0.09 19.04 -0.92
N ASP D 169 -0.79 20.01 -1.20
CA ASP D 169 -0.68 20.78 -2.43
C ASP D 169 0.55 21.66 -2.35
N GLU D 170 0.76 22.34 -1.22
CA GLU D 170 1.86 23.25 -1.09
C GLU D 170 3.20 22.50 -1.11
N LEU D 171 3.27 21.34 -0.46
CA LEU D 171 4.53 20.62 -0.36
C LEU D 171 4.69 19.53 -1.43
N ASP D 172 3.71 19.47 -2.35
CA ASP D 172 3.71 18.52 -3.47
C ASP D 172 3.83 17.09 -3.00
N LEU D 173 3.04 16.73 -2.00
CA LEU D 173 3.11 15.41 -1.42
C LEU D 173 1.94 14.58 -1.95
N PRO D 174 2.11 13.25 -2.03
CA PRO D 174 1.07 12.30 -2.42
C PRO D 174 -0.15 12.33 -1.52
N VAL D 175 -1.30 11.91 -2.04
CA VAL D 175 -2.55 12.01 -1.31
C VAL D 175 -2.52 11.27 0.01
N ASP D 176 -1.80 10.18 0.12
CA ASP D 176 -1.87 9.44 1.35
C ASP D 176 -0.90 9.93 2.45
N TRP D 177 -0.18 11.02 2.23
CA TRP D 177 0.62 11.66 3.31
C TRP D 177 -0.35 12.55 4.08
N GLU D 178 -0.46 12.33 5.38
CA GLU D 178 -1.46 13.05 6.20
C GLU D 178 -0.80 13.88 7.30
N PRO D 179 -0.90 15.22 7.19
CA PRO D 179 -0.26 16.01 8.23
C PRO D 179 -0.95 15.85 9.57
N LEU D 180 -0.16 15.73 10.65
CA LEU D 180 -0.67 15.61 12.03
C LEU D 180 -0.19 16.72 12.96
N GLY D 181 -0.30 17.97 12.49
CA GLY D 181 0.02 19.16 13.29
C GLY D 181 1.27 19.82 12.77
N ALA D 182 1.93 20.56 13.66
CA ALA D 182 3.20 21.22 13.37
C ALA D 182 3.90 21.39 14.70
N ILE D 183 5.22 21.20 14.71
CA ILE D 183 6.04 21.37 15.89
C ILE D 183 6.94 22.60 15.68
N ALA D 184 6.77 23.60 16.52
CA ALA D 184 7.58 24.79 16.51
C ALA D 184 8.74 24.47 17.44
N ILE D 185 9.95 24.83 17.04
CA ILE D 185 11.15 24.49 17.81
C ILE D 185 12.02 25.71 17.99
N GLY D 186 12.55 25.87 19.20
CA GLY D 186 13.51 26.93 19.47
C GLY D 186 14.00 26.85 20.91
N TYR D 187 14.84 27.83 21.28
CA TYR D 187 15.20 28.08 22.66
C TYR D 187 14.10 28.94 23.25
N ALA D 188 13.66 28.62 24.46
CA ALA D 188 12.59 29.35 25.12
C ALA D 188 13.08 30.74 25.57
N ASP D 189 12.20 31.74 25.48
CA ASP D 189 12.47 33.08 26.05
C ASP D 189 12.49 33.07 27.60
N GLU D 190 11.93 32.02 28.20
CA GLU D 190 11.88 31.88 29.65
C GLU D 190 11.34 30.49 30.03
N LEU D 203 -8.20 10.93 35.90
CA LEU D 203 -7.99 10.32 34.58
C LEU D 203 -7.55 8.83 34.52
N LEU D 204 -7.33 8.23 35.68
CA LEU D 204 -7.13 6.78 35.76
C LEU D 204 -8.46 6.14 36.16
N ILE D 205 -8.82 5.06 35.48
CA ILE D 205 -10.03 4.32 35.77
C ILE D 205 -9.62 2.90 36.08
N LEU D 206 -10.34 2.27 37.01
CA LEU D 206 -10.08 0.90 37.46
C LEU D 206 -11.26 0.00 37.08
N LYS D 207 -11.00 -1.09 36.34
CA LYS D 207 -12.03 -2.07 35.93
C LYS D 207 -11.63 -3.52 36.13
#